data_6QWI
#
_entry.id   6QWI
#
_cell.length_a   146.096
_cell.length_b   146.096
_cell.length_c   140.345
_cell.angle_alpha   90.00
_cell.angle_beta   90.00
_cell.angle_gamma   90.00
#
_symmetry.space_group_name_H-M   'P 4 21 2'
#
loop_
_entity.id
_entity.type
_entity.pdbx_description
1 polymer 'Beta-glucosidase A'
2 non-polymer (2~{S},3~{S},4~{R})-2-[[4-[4-(2-ethoxyethoxy)phenyl]-1,2,3-triazol-1-yl]methyl]pyrrolidine-3,4-diol
3 water water
#
_entity_poly.entity_id   1
_entity_poly.type   'polypeptide(L)'
_entity_poly.pdbx_seq_one_letter_code
;MTIFQFPQDFMWGTATAAYQIEGAYQEDGRGLSIWDTFAHTPGKVFNGDNGNVACDSYHRYEEDIRLMKELGIRTYRFSV
SWPRIFPNGDGEVNQKGLDYYHRVVDLLNDNGIEPFCTLYHWDLPQALQDAGGWGNRRTIQAFVQFAETMFREFHGKIQH
WLTFNEPWCIAFLSNMLGVHAPGLTNLQTAIDVGHHLLVAHGLSVRRFRELGTSGQIGIAPNVSWAVPYSTSEEDKAACA
RTISLHSDWFLQPIYQGSYPQFLVDWFAEQGATVPIQDGDMDIIGEPIDMIGINYYSMSVNRFNPEAGFLQSEEINMGLP
VTDIGWPVESRGLYEVLHYLQKYGNIDIYITENGACINDEVVNGKVQDDRRISYMQQHLVQVHRAIHDGLHVKGYMAWSL
LDNFEWAEGYSMRFGIIHVDFRTQVRTPKESYYWYRKVVGNNWLETRR
;
_entity_poly.pdbx_strand_id   A,B
#
# COMPACT_ATOMS: atom_id res chain seq x y z
N MET A 1 1.30 -17.23 -7.93
CA MET A 1 1.88 -17.66 -6.63
C MET A 1 0.75 -17.97 -5.63
N THR A 2 -0.31 -17.16 -5.56
CA THR A 2 -1.56 -17.51 -4.83
C THR A 2 -2.73 -17.55 -5.81
N ILE A 3 -3.63 -18.52 -5.61
CA ILE A 3 -4.88 -18.75 -6.41
C ILE A 3 -6.07 -18.22 -5.62
N PHE A 4 -6.92 -17.41 -6.24
CA PHE A 4 -8.15 -16.83 -5.64
C PHE A 4 -9.36 -17.26 -6.48
N GLN A 5 -10.16 -18.18 -5.94
CA GLN A 5 -11.35 -18.74 -6.63
C GLN A 5 -12.58 -17.91 -6.25
N PHE A 6 -13.39 -17.55 -7.24
CA PHE A 6 -14.61 -16.71 -7.04
C PHE A 6 -15.83 -17.61 -6.87
N PRO A 7 -16.91 -17.12 -6.24
CA PRO A 7 -18.15 -17.89 -6.11
C PRO A 7 -18.71 -18.25 -7.48
N GLN A 8 -19.47 -19.34 -7.56
CA GLN A 8 -19.93 -19.89 -8.85
C GLN A 8 -20.71 -18.81 -9.63
N ASP A 9 -21.60 -18.08 -8.96
CA ASP A 9 -22.59 -17.19 -9.60
C ASP A 9 -22.15 -15.73 -9.50
N PHE A 10 -20.86 -15.48 -9.30
CA PHE A 10 -20.24 -14.12 -9.25
C PHE A 10 -20.39 -13.44 -10.60
N MET A 11 -20.88 -12.21 -10.55
CA MET A 11 -21.31 -11.44 -11.73
C MET A 11 -20.13 -10.58 -12.21
N TRP A 12 -19.49 -11.00 -13.29
CA TRP A 12 -18.38 -10.27 -13.96
C TRP A 12 -19.00 -9.29 -14.95
N GLY A 13 -18.46 -8.09 -15.01
CA GLY A 13 -19.02 -7.04 -15.85
C GLY A 13 -17.97 -6.06 -16.24
N THR A 14 -18.42 -5.12 -16.98
CA THR A 14 -17.68 -3.96 -17.50
C THR A 14 -18.74 -2.83 -17.44
N ALA A 15 -18.42 -1.47 -17.33
CA ALA A 15 -19.40 -0.36 -17.10
C ALA A 15 -19.14 0.81 -18.08
N THR A 16 -20.20 1.46 -18.57
CA THR A 16 -20.17 2.74 -19.33
C THR A 16 -21.28 3.68 -18.86
N ALA A 17 -21.28 4.90 -19.36
CA ALA A 17 -22.31 5.94 -19.11
C ALA A 17 -22.65 6.55 -20.47
N ALA A 18 -23.92 6.92 -20.65
CA ALA A 18 -24.47 7.48 -21.91
C ALA A 18 -23.59 8.63 -22.42
N TYR A 19 -23.41 9.73 -21.69
CA TYR A 19 -22.72 10.94 -22.25
C TYR A 19 -21.25 10.65 -22.61
N GLN A 20 -20.64 9.70 -21.91
CA GLN A 20 -19.19 9.38 -22.00
C GLN A 20 -18.88 8.62 -23.29
N ILE A 21 -19.82 7.83 -23.81
CA ILE A 21 -19.56 6.91 -24.96
C ILE A 21 -20.52 7.14 -26.14
N GLU A 22 -21.77 7.58 -25.90
CA GLU A 22 -22.87 7.51 -26.90
C GLU A 22 -22.57 8.39 -28.13
N GLY A 23 -22.20 9.66 -27.92
CA GLY A 23 -22.12 10.66 -29.01
C GLY A 23 -23.50 11.00 -29.51
N ALA A 24 -23.65 11.25 -30.82
CA ALA A 24 -24.95 11.47 -31.50
C ALA A 24 -25.80 12.42 -30.63
N TYR A 25 -25.20 13.51 -30.17
CA TYR A 25 -25.75 14.40 -29.11
C TYR A 25 -26.95 15.21 -29.63
N GLN A 26 -27.18 15.26 -30.95
CA GLN A 26 -28.30 16.01 -31.56
C GLN A 26 -29.26 15.09 -32.33
N GLU A 27 -28.92 13.81 -32.47
CA GLU A 27 -29.63 12.86 -33.36
C GLU A 27 -30.97 12.44 -32.72
N ASP A 28 -31.92 12.01 -33.55
CA ASP A 28 -33.23 11.41 -33.18
C ASP A 28 -33.89 12.17 -32.01
N GLY A 29 -33.88 13.51 -32.07
CA GLY A 29 -34.62 14.41 -31.17
C GLY A 29 -34.02 14.57 -29.78
N ARG A 30 -32.75 14.16 -29.56
CA ARG A 30 -32.10 14.29 -28.23
C ARG A 30 -32.01 15.78 -27.88
N GLY A 31 -32.44 16.13 -26.68
CA GLY A 31 -32.29 17.47 -26.11
C GLY A 31 -30.99 17.62 -25.35
N LEU A 32 -30.51 18.85 -25.19
CA LEU A 32 -29.23 19.13 -24.51
C LEU A 32 -29.38 18.80 -23.02
N SER A 33 -28.41 18.06 -22.49
CA SER A 33 -28.19 17.87 -21.04
C SER A 33 -27.32 19.01 -20.51
N ILE A 34 -27.18 19.08 -19.18
CA ILE A 34 -26.30 20.06 -18.47
C ILE A 34 -24.84 19.83 -18.83
N TRP A 35 -24.48 18.62 -19.25
CA TRP A 35 -23.08 18.28 -19.61
C TRP A 35 -22.78 18.79 -21.01
N ASP A 36 -23.77 18.78 -21.91
CA ASP A 36 -23.65 19.40 -23.26
C ASP A 36 -23.31 20.87 -23.05
N THR A 37 -24.08 21.54 -22.19
CA THR A 37 -23.94 22.98 -21.87
C THR A 37 -22.53 23.21 -21.33
N PHE A 38 -22.14 22.42 -20.33
CA PHE A 38 -20.88 22.52 -19.55
C PHE A 38 -19.68 22.29 -20.46
N ALA A 39 -19.75 21.28 -21.34
CA ALA A 39 -18.65 20.91 -22.24
C ALA A 39 -18.47 21.98 -23.34
N HIS A 40 -19.53 22.75 -23.62
CA HIS A 40 -19.55 23.79 -24.68
C HIS A 40 -19.14 25.14 -24.10
N THR A 41 -18.95 25.24 -22.78
CA THR A 41 -18.48 26.47 -22.10
C THR A 41 -16.96 26.44 -22.03
N PRO A 42 -16.24 27.46 -22.57
CA PRO A 42 -14.78 27.46 -22.52
C PRO A 42 -14.23 27.42 -21.08
N GLY A 43 -13.18 26.61 -20.86
CA GLY A 43 -12.47 26.55 -19.57
C GLY A 43 -13.06 25.51 -18.62
N LYS A 44 -14.18 24.88 -19.00
CA LYS A 44 -14.90 23.91 -18.13
C LYS A 44 -14.27 22.52 -18.29
N VAL A 45 -13.92 22.14 -19.50
CA VAL A 45 -13.39 20.79 -19.81
C VAL A 45 -12.02 20.95 -20.49
N PHE A 46 -11.04 20.18 -20.03
CA PHE A 46 -9.65 20.21 -20.55
C PHE A 46 -9.70 20.11 -22.08
N ASN A 47 -8.98 21.02 -22.77
CA ASN A 47 -8.72 20.98 -24.22
C ASN A 47 -10.03 21.29 -24.98
N GLY A 48 -11.07 21.73 -24.29
CA GLY A 48 -12.38 22.03 -24.89
C GLY A 48 -13.06 20.79 -25.44
N ASP A 49 -12.75 19.62 -24.88
CA ASP A 49 -13.36 18.33 -25.30
C ASP A 49 -14.84 18.31 -24.90
N ASN A 50 -15.67 17.61 -25.65
CA ASN A 50 -17.11 17.43 -25.33
C ASN A 50 -17.57 16.05 -25.82
N GLY A 51 -18.78 15.65 -25.45
CA GLY A 51 -19.30 14.30 -25.75
C GLY A 51 -20.10 14.25 -27.05
N ASN A 52 -19.83 15.19 -27.97
CA ASN A 52 -20.63 15.37 -29.22
C ASN A 52 -20.57 14.10 -30.06
N VAL A 53 -19.39 13.49 -30.17
CA VAL A 53 -19.18 12.19 -30.88
C VAL A 53 -18.75 11.12 -29.88
N ALA A 54 -17.88 11.48 -28.92
CA ALA A 54 -17.34 10.53 -27.92
C ALA A 54 -16.84 9.27 -28.66
N CYS A 55 -17.35 8.09 -28.27
CA CYS A 55 -17.03 6.77 -28.87
C CYS A 55 -18.09 6.38 -29.92
N ASP A 56 -19.03 7.29 -30.18
CA ASP A 56 -20.09 7.09 -31.21
C ASP A 56 -20.82 5.76 -30.95
N SER A 57 -21.04 5.40 -29.68
CA SER A 57 -21.67 4.12 -29.27
C SER A 57 -23.15 4.07 -29.71
N TYR A 58 -23.76 5.23 -29.98
CA TYR A 58 -25.15 5.35 -30.53
C TYR A 58 -25.30 4.54 -31.82
N HIS A 59 -24.27 4.57 -32.67
CA HIS A 59 -24.20 3.83 -33.97
C HIS A 59 -23.34 2.56 -33.83
N ARG A 60 -22.35 2.52 -32.95
CA ARG A 60 -21.33 1.43 -32.89
C ARG A 60 -21.64 0.41 -31.78
N TYR A 61 -22.86 0.40 -31.24
CA TYR A 61 -23.24 -0.44 -30.07
C TYR A 61 -23.11 -1.93 -30.44
N GLU A 62 -23.34 -2.28 -31.71
CA GLU A 62 -23.25 -3.68 -32.22
C GLU A 62 -21.81 -4.20 -32.01
N GLU A 63 -20.82 -3.41 -32.40
CA GLU A 63 -19.37 -3.74 -32.26
C GLU A 63 -19.05 -3.92 -30.77
N ASP A 64 -19.41 -2.96 -29.93
CA ASP A 64 -19.08 -2.96 -28.48
C ASP A 64 -19.64 -4.24 -27.83
N ILE A 65 -20.86 -4.62 -28.19
CA ILE A 65 -21.55 -5.81 -27.59
C ILE A 65 -20.86 -7.11 -28.07
N ARG A 66 -20.37 -7.15 -29.31
CA ARG A 66 -19.62 -8.32 -29.87
C ARG A 66 -18.34 -8.51 -29.04
N LEU A 67 -17.64 -7.40 -28.72
CA LEU A 67 -16.38 -7.39 -27.93
C LEU A 67 -16.65 -7.82 -26.48
N MET A 68 -17.84 -7.53 -25.96
CA MET A 68 -18.30 -8.00 -24.64
C MET A 68 -18.55 -9.51 -24.65
N LYS A 69 -19.16 -10.04 -25.71
CA LYS A 69 -19.47 -11.49 -25.83
C LYS A 69 -18.14 -12.27 -25.85
N GLU A 70 -17.18 -11.79 -26.65
CA GLU A 70 -15.84 -12.40 -26.78
C GLU A 70 -15.09 -12.29 -25.44
N LEU A 71 -15.44 -11.28 -24.62
CA LEU A 71 -14.88 -11.11 -23.24
C LEU A 71 -15.44 -12.18 -22.31
N GLY A 72 -16.63 -12.72 -22.62
CA GLY A 72 -17.30 -13.76 -21.81
C GLY A 72 -17.87 -13.18 -20.54
N ILE A 73 -18.14 -11.88 -20.56
CA ILE A 73 -18.68 -11.08 -19.42
C ILE A 73 -20.12 -11.54 -19.18
N ARG A 74 -20.67 -11.27 -18.00
CA ARG A 74 -22.02 -11.74 -17.60
C ARG A 74 -23.00 -10.55 -17.54
N THR A 75 -22.54 -9.40 -17.04
CA THR A 75 -23.41 -8.18 -16.92
C THR A 75 -22.76 -7.03 -17.67
N TYR A 76 -23.58 -6.11 -18.17
CA TYR A 76 -23.11 -4.86 -18.82
C TYR A 76 -23.85 -3.69 -18.19
N ARG A 77 -23.15 -2.87 -17.40
CA ARG A 77 -23.74 -1.68 -16.75
C ARG A 77 -23.61 -0.48 -17.70
N PHE A 78 -24.77 0.04 -18.13
CA PHE A 78 -24.87 1.24 -19.01
C PHE A 78 -25.78 2.23 -18.31
N SER A 79 -25.87 3.43 -18.85
CA SER A 79 -26.76 4.51 -18.35
C SER A 79 -27.61 5.03 -19.50
N VAL A 80 -28.82 5.48 -19.17
CA VAL A 80 -29.85 6.01 -20.11
C VAL A 80 -29.68 7.53 -20.14
N SER A 81 -29.51 8.10 -21.32
CA SER A 81 -29.58 9.58 -21.52
C SER A 81 -31.04 10.01 -21.31
N TRP A 82 -31.34 10.54 -20.12
CA TRP A 82 -32.64 11.16 -19.79
C TRP A 82 -33.11 11.98 -20.99
N PRO A 83 -32.32 12.97 -21.48
CA PRO A 83 -32.77 13.83 -22.58
C PRO A 83 -32.99 13.13 -23.92
N ARG A 84 -32.68 11.84 -24.01
CA ARG A 84 -33.01 11.03 -25.21
C ARG A 84 -34.47 10.57 -25.11
N ILE A 85 -34.98 10.37 -23.89
CA ILE A 85 -36.38 9.89 -23.64
C ILE A 85 -37.29 11.10 -23.45
N PHE A 86 -36.89 12.05 -22.61
CA PHE A 86 -37.59 13.34 -22.36
C PHE A 86 -36.65 14.50 -22.66
N PRO A 87 -36.52 14.92 -23.93
CA PRO A 87 -35.61 16.00 -24.30
C PRO A 87 -35.67 17.26 -23.42
N ASN A 88 -36.85 17.59 -22.89
CA ASN A 88 -37.05 18.75 -21.98
C ASN A 88 -37.37 18.27 -20.55
N GLY A 89 -37.42 16.95 -20.33
CA GLY A 89 -37.91 16.36 -19.07
C GLY A 89 -39.32 16.84 -18.78
N ASP A 90 -40.08 17.12 -19.84
CA ASP A 90 -41.40 17.84 -19.80
C ASP A 90 -42.53 16.82 -19.61
N GLY A 91 -42.45 15.69 -20.26
CA GLY A 91 -43.52 14.67 -20.19
C GLY A 91 -43.89 14.22 -21.58
N GLU A 92 -43.44 14.98 -22.57
CA GLU A 92 -43.52 14.57 -23.98
C GLU A 92 -42.34 13.61 -24.28
N VAL A 93 -42.61 12.30 -24.37
CA VAL A 93 -41.57 11.23 -24.57
C VAL A 93 -41.13 11.24 -26.04
N ASN A 94 -39.88 10.84 -26.27
CA ASN A 94 -39.24 10.67 -27.59
C ASN A 94 -39.13 9.16 -27.88
N GLN A 95 -39.93 8.64 -28.82
CA GLN A 95 -40.01 7.19 -29.12
C GLN A 95 -38.70 6.71 -29.75
N LYS A 96 -37.98 7.59 -30.45
CA LYS A 96 -36.66 7.30 -31.08
C LYS A 96 -35.61 7.08 -29.99
N GLY A 97 -35.67 7.84 -28.90
CA GLY A 97 -34.85 7.63 -27.69
C GLY A 97 -35.00 6.23 -27.14
N LEU A 98 -36.25 5.80 -26.90
CA LEU A 98 -36.61 4.45 -26.38
C LEU A 98 -36.12 3.37 -27.34
N ASP A 99 -36.36 3.57 -28.64
CA ASP A 99 -36.06 2.59 -29.72
C ASP A 99 -34.58 2.19 -29.63
N TYR A 100 -33.69 3.17 -29.43
CA TYR A 100 -32.22 2.94 -29.31
C TYR A 100 -31.95 2.00 -28.13
N TYR A 101 -32.52 2.28 -26.96
CA TYR A 101 -32.25 1.49 -25.74
C TYR A 101 -32.87 0.09 -25.89
N HIS A 102 -33.97 -0.04 -26.63
CA HIS A 102 -34.59 -1.36 -26.92
C HIS A 102 -33.66 -2.18 -27.83
N ARG A 103 -33.04 -1.54 -28.83
CA ARG A 103 -32.09 -2.20 -29.76
C ARG A 103 -30.88 -2.69 -28.96
N VAL A 104 -30.29 -1.82 -28.14
CA VAL A 104 -29.11 -2.08 -27.27
C VAL A 104 -29.43 -3.25 -26.34
N VAL A 105 -30.46 -3.08 -25.52
CA VAL A 105 -30.88 -4.06 -24.49
C VAL A 105 -31.24 -5.41 -25.15
N ASP A 106 -31.92 -5.38 -26.29
CA ASP A 106 -32.40 -6.63 -26.96
C ASP A 106 -31.20 -7.43 -27.46
N LEU A 107 -30.15 -6.74 -27.93
CA LEU A 107 -28.87 -7.38 -28.37
C LEU A 107 -28.20 -8.02 -27.15
N LEU A 108 -28.09 -7.29 -26.04
CA LEU A 108 -27.47 -7.77 -24.78
C LEU A 108 -28.14 -9.07 -24.33
N ASN A 109 -29.48 -9.11 -24.37
CA ASN A 109 -30.27 -10.29 -23.89
C ASN A 109 -30.08 -11.46 -24.88
N ASP A 110 -30.04 -11.20 -26.19
CA ASP A 110 -29.79 -12.23 -27.23
C ASP A 110 -28.40 -12.84 -27.07
N ASN A 111 -27.43 -12.06 -26.57
CA ASN A 111 -26.01 -12.49 -26.38
C ASN A 111 -25.79 -13.00 -24.94
N GLY A 112 -26.87 -13.17 -24.16
CA GLY A 112 -26.80 -13.73 -22.80
C GLY A 112 -26.05 -12.83 -21.82
N ILE A 113 -25.92 -11.54 -22.14
CA ILE A 113 -25.38 -10.48 -21.23
C ILE A 113 -26.56 -9.82 -20.51
N GLU A 114 -26.51 -9.78 -19.17
CA GLU A 114 -27.58 -9.20 -18.31
C GLU A 114 -27.41 -7.69 -18.23
N PRO A 115 -28.36 -6.89 -18.75
CA PRO A 115 -28.29 -5.43 -18.63
C PRO A 115 -28.34 -4.98 -17.16
N PHE A 116 -27.51 -4.00 -16.80
CA PHE A 116 -27.46 -3.37 -15.46
C PHE A 116 -27.68 -1.87 -15.67
N CYS A 117 -28.92 -1.40 -15.51
CA CYS A 117 -29.39 -0.09 -16.02
C CYS A 117 -29.31 0.99 -14.93
N THR A 118 -28.37 1.92 -15.08
CA THR A 118 -28.27 3.18 -14.31
C THR A 118 -29.20 4.20 -14.97
N LEU A 119 -30.22 4.69 -14.25
CA LEU A 119 -31.20 5.65 -14.83
C LEU A 119 -30.53 7.03 -14.97
N TYR A 120 -29.86 7.51 -13.92
CA TYR A 120 -29.23 8.84 -13.87
C TYR A 120 -27.72 8.72 -13.74
N HIS A 121 -27.00 9.06 -14.80
CA HIS A 121 -25.51 9.15 -14.82
C HIS A 121 -25.09 10.56 -15.30
N TRP A 122 -25.75 11.57 -14.70
CA TRP A 122 -25.39 13.02 -14.66
C TRP A 122 -25.95 13.79 -15.86
N ASP A 123 -26.71 13.16 -16.75
CA ASP A 123 -27.18 13.86 -17.99
C ASP A 123 -28.52 14.57 -17.75
N LEU A 124 -28.63 15.35 -16.68
CA LEU A 124 -29.88 16.12 -16.42
C LEU A 124 -30.19 17.00 -17.64
N PRO A 125 -31.43 16.94 -18.19
CA PRO A 125 -31.83 17.85 -19.27
C PRO A 125 -31.70 19.34 -18.91
N GLN A 126 -31.20 20.18 -19.84
CA GLN A 126 -30.91 21.61 -19.59
C GLN A 126 -32.20 22.37 -19.29
N ALA A 127 -33.32 21.92 -19.87
CA ALA A 127 -34.67 22.49 -19.68
C ALA A 127 -35.00 22.55 -18.18
N LEU A 128 -34.72 21.48 -17.45
CA LEU A 128 -34.96 21.38 -15.98
C LEU A 128 -33.93 22.26 -15.22
N GLN A 129 -32.70 22.35 -15.72
CA GLN A 129 -31.61 23.11 -15.05
C GLN A 129 -31.90 24.62 -15.18
N ASP A 130 -32.53 25.03 -16.29
CA ASP A 130 -32.98 26.44 -16.51
C ASP A 130 -33.92 26.84 -15.35
N ALA A 131 -34.73 25.92 -14.83
CA ALA A 131 -35.70 26.14 -13.73
C ALA A 131 -35.09 25.84 -12.35
N GLY A 132 -33.77 25.66 -12.24
CA GLY A 132 -33.09 25.43 -10.94
C GLY A 132 -32.51 24.02 -10.79
N GLY A 133 -32.87 23.12 -11.72
CA GLY A 133 -32.40 21.72 -11.77
C GLY A 133 -32.69 20.99 -10.47
N TRP A 134 -31.72 20.23 -9.97
CA TRP A 134 -31.93 19.36 -8.78
C TRP A 134 -32.22 20.21 -7.52
N GLY A 135 -31.89 21.51 -7.53
CA GLY A 135 -32.18 22.43 -6.41
C GLY A 135 -33.67 22.77 -6.32
N ASN A 136 -34.42 22.46 -7.38
CA ASN A 136 -35.90 22.64 -7.51
C ASN A 136 -36.59 21.31 -7.25
N ARG A 137 -37.65 21.28 -6.43
CA ARG A 137 -38.40 20.04 -6.11
C ARG A 137 -39.18 19.57 -7.34
N ARG A 138 -39.31 20.40 -8.38
CA ARG A 138 -40.05 20.05 -9.63
C ARG A 138 -39.32 18.92 -10.36
N THR A 139 -38.00 18.86 -10.24
CA THR A 139 -37.12 17.87 -10.92
C THR A 139 -37.42 16.48 -10.36
N ILE A 140 -37.72 16.39 -9.07
CA ILE A 140 -38.11 15.13 -8.38
C ILE A 140 -39.27 14.51 -9.15
N GLN A 141 -40.33 15.27 -9.40
CA GLN A 141 -41.50 14.79 -10.19
C GLN A 141 -41.02 14.33 -11.58
N ALA A 142 -40.18 15.15 -12.22
CA ALA A 142 -39.66 14.91 -13.59
C ALA A 142 -38.91 13.58 -13.64
N PHE A 143 -38.01 13.34 -12.69
CA PHE A 143 -37.18 12.11 -12.61
C PHE A 143 -38.06 10.87 -12.49
N VAL A 144 -39.10 10.94 -11.64
CA VAL A 144 -40.02 9.82 -11.32
C VAL A 144 -40.78 9.42 -12.59
N GLN A 145 -41.21 10.39 -13.40
CA GLN A 145 -41.91 10.11 -14.68
C GLN A 145 -40.94 9.42 -15.65
N PHE A 146 -39.68 9.86 -15.65
CA PHE A 146 -38.59 9.24 -16.45
C PHE A 146 -38.39 7.81 -15.96
N ALA A 147 -38.08 7.64 -14.67
CA ALA A 147 -37.85 6.33 -14.03
C ALA A 147 -39.00 5.39 -14.42
N GLU A 148 -40.24 5.85 -14.20
CA GLU A 148 -41.49 5.11 -14.47
C GLU A 148 -41.54 4.65 -15.94
N THR A 149 -41.36 5.54 -16.91
CA THR A 149 -41.39 5.22 -18.36
C THR A 149 -40.46 4.05 -18.64
N MET A 150 -39.25 4.08 -18.08
CA MET A 150 -38.19 3.06 -18.34
C MET A 150 -38.63 1.73 -17.71
N PHE A 151 -39.06 1.76 -16.45
CA PHE A 151 -39.61 0.59 -15.72
C PHE A 151 -40.72 -0.06 -16.54
N ARG A 152 -41.69 0.72 -17.03
CA ARG A 152 -42.84 0.22 -17.83
C ARG A 152 -42.31 -0.35 -19.15
N GLU A 153 -41.38 0.39 -19.78
CA GLU A 153 -40.92 0.15 -21.18
C GLU A 153 -40.02 -1.10 -21.24
N PHE A 154 -39.15 -1.32 -20.25
CA PHE A 154 -38.11 -2.37 -20.27
C PHE A 154 -38.36 -3.41 -19.17
N HIS A 155 -39.62 -3.55 -18.74
CA HIS A 155 -40.06 -4.62 -17.80
C HIS A 155 -39.77 -5.98 -18.44
N GLY A 156 -39.12 -6.88 -17.69
CA GLY A 156 -38.79 -8.25 -18.15
C GLY A 156 -37.54 -8.28 -19.03
N LYS A 157 -37.18 -7.15 -19.64
CA LYS A 157 -35.95 -7.01 -20.48
C LYS A 157 -34.74 -6.71 -19.59
N ILE A 158 -34.95 -6.05 -18.45
CA ILE A 158 -33.89 -5.60 -17.50
C ILE A 158 -34.26 -6.05 -16.08
N GLN A 159 -33.31 -6.65 -15.37
CA GLN A 159 -33.52 -7.30 -14.04
C GLN A 159 -32.65 -6.64 -12.96
N HIS A 160 -31.85 -5.63 -13.32
CA HIS A 160 -30.90 -4.92 -12.41
C HIS A 160 -30.94 -3.42 -12.68
N TRP A 161 -31.42 -2.64 -11.71
CA TRP A 161 -31.62 -1.18 -11.84
C TRP A 161 -30.86 -0.42 -10.75
N LEU A 162 -30.22 0.69 -11.13
CA LEU A 162 -29.70 1.72 -10.19
C LEU A 162 -30.39 3.04 -10.52
N THR A 163 -30.93 3.71 -9.50
CA THR A 163 -31.57 5.04 -9.64
C THR A 163 -30.49 6.05 -10.04
N PHE A 164 -29.51 6.27 -9.16
CA PHE A 164 -28.47 7.33 -9.29
C PHE A 164 -27.06 6.74 -9.18
N ASN A 165 -26.11 7.36 -9.88
CA ASN A 165 -24.66 7.03 -9.84
C ASN A 165 -23.90 8.15 -9.13
N GLU A 166 -23.12 7.83 -8.10
CA GLU A 166 -22.19 8.76 -7.41
C GLU A 166 -22.94 10.02 -7.01
N PRO A 167 -23.88 9.94 -6.03
CA PRO A 167 -24.60 11.10 -5.54
C PRO A 167 -23.67 12.22 -5.04
N TRP A 168 -22.55 11.86 -4.40
CA TRP A 168 -21.57 12.85 -3.87
C TRP A 168 -21.04 13.74 -4.99
N CYS A 169 -20.79 13.15 -6.15
CA CYS A 169 -20.30 13.89 -7.35
C CYS A 169 -21.41 14.82 -7.86
N ILE A 170 -22.65 14.31 -7.93
CA ILE A 170 -23.83 15.00 -8.50
C ILE A 170 -24.12 16.24 -7.66
N ALA A 171 -23.98 16.11 -6.34
CA ALA A 171 -24.33 17.14 -5.34
C ALA A 171 -23.10 18.02 -5.08
N PHE A 172 -22.09 17.48 -4.40
CA PHE A 172 -20.94 18.25 -3.84
C PHE A 172 -19.91 18.59 -4.91
N LEU A 173 -19.51 17.65 -5.75
CA LEU A 173 -18.50 17.95 -6.80
C LEU A 173 -19.10 18.95 -7.81
N SER A 174 -20.37 18.76 -8.20
CA SER A 174 -21.09 19.54 -9.25
C SER A 174 -21.56 20.91 -8.75
N ASN A 175 -21.85 21.07 -7.45
CA ASN A 175 -22.56 22.28 -6.93
C ASN A 175 -21.82 22.94 -5.74
N MET A 176 -20.75 22.33 -5.20
CA MET A 176 -19.96 22.91 -4.07
C MET A 176 -18.56 23.32 -4.60
N LEU A 177 -17.88 22.42 -5.30
CA LEU A 177 -16.49 22.62 -5.81
C LEU A 177 -16.49 23.13 -7.25
N GLY A 178 -17.61 22.96 -7.97
CA GLY A 178 -17.85 23.55 -9.30
C GLY A 178 -17.09 22.83 -10.40
N VAL A 179 -16.56 21.63 -10.14
CA VAL A 179 -15.69 20.86 -11.07
C VAL A 179 -16.55 20.20 -12.15
N HIS A 180 -17.74 19.72 -11.79
CA HIS A 180 -18.67 19.01 -12.70
C HIS A 180 -19.92 19.86 -12.96
N ALA A 181 -20.62 19.57 -14.05
CA ALA A 181 -21.88 20.25 -14.46
C ALA A 181 -22.93 20.13 -13.36
N PRO A 182 -23.66 21.22 -13.02
CA PRO A 182 -23.63 22.49 -13.74
C PRO A 182 -22.61 23.52 -13.21
N GLY A 183 -21.68 23.09 -12.37
CA GLY A 183 -20.48 23.88 -12.03
C GLY A 183 -20.78 25.03 -11.08
N LEU A 184 -21.68 24.84 -10.12
CA LEU A 184 -21.92 25.84 -9.05
C LEU A 184 -20.96 25.59 -7.88
N THR A 185 -20.94 26.50 -6.91
CA THR A 185 -20.03 26.52 -5.73
C THR A 185 -20.76 27.12 -4.52
N ASN A 186 -21.81 26.46 -4.04
CA ASN A 186 -22.62 26.93 -2.90
C ASN A 186 -22.97 25.73 -2.01
N LEU A 187 -22.50 25.73 -0.75
CA LEU A 187 -22.75 24.60 0.19
C LEU A 187 -24.24 24.26 0.14
N GLN A 188 -25.10 25.28 0.26
CA GLN A 188 -26.57 25.08 0.46
C GLN A 188 -27.17 24.41 -0.78
N THR A 189 -26.84 24.83 -2.01
CA THR A 189 -27.50 24.26 -3.22
C THR A 189 -27.02 22.82 -3.41
N ALA A 190 -25.79 22.49 -3.02
CA ALA A 190 -25.30 21.08 -3.05
C ALA A 190 -26.17 20.22 -2.11
N ILE A 191 -26.34 20.65 -0.85
CA ILE A 191 -27.16 19.93 0.15
C ILE A 191 -28.59 19.77 -0.39
N ASP A 192 -29.16 20.84 -0.95
CA ASP A 192 -30.50 20.84 -1.60
C ASP A 192 -30.55 19.72 -2.64
N VAL A 193 -29.67 19.80 -3.65
CA VAL A 193 -29.55 18.79 -4.73
C VAL A 193 -29.44 17.39 -4.11
N GLY A 194 -28.58 17.24 -3.10
CA GLY A 194 -28.34 15.97 -2.39
C GLY A 194 -29.63 15.42 -1.84
N HIS A 195 -30.39 16.24 -1.12
CA HIS A 195 -31.68 15.85 -0.50
C HIS A 195 -32.71 15.49 -1.58
N HIS A 196 -32.83 16.31 -2.63
CA HIS A 196 -33.86 16.15 -3.69
C HIS A 196 -33.60 14.85 -4.46
N LEU A 197 -32.33 14.54 -4.67
CA LEU A 197 -31.81 13.27 -5.22
C LEU A 197 -32.42 12.08 -4.47
N LEU A 198 -32.31 12.10 -3.14
CA LEU A 198 -32.75 11.00 -2.26
C LEU A 198 -34.28 10.84 -2.34
N VAL A 199 -35.01 11.96 -2.38
CA VAL A 199 -36.50 11.93 -2.49
C VAL A 199 -36.85 11.31 -3.85
N ALA A 200 -36.24 11.81 -4.92
CA ALA A 200 -36.44 11.27 -6.30
C ALA A 200 -36.14 9.77 -6.32
N HIS A 201 -35.08 9.36 -5.61
CA HIS A 201 -34.67 7.93 -5.48
C HIS A 201 -35.78 7.14 -4.81
N GLY A 202 -36.14 7.52 -3.59
CA GLY A 202 -37.19 6.86 -2.80
C GLY A 202 -38.44 6.64 -3.62
N LEU A 203 -38.94 7.69 -4.28
CA LEU A 203 -40.23 7.70 -4.99
C LEU A 203 -40.14 6.78 -6.21
N SER A 204 -38.98 6.73 -6.86
CA SER A 204 -38.71 5.86 -8.03
C SER A 204 -38.70 4.39 -7.59
N VAL A 205 -38.09 4.10 -6.44
CA VAL A 205 -38.11 2.74 -5.83
C VAL A 205 -39.58 2.38 -5.54
N ARG A 206 -40.36 3.33 -4.98
CA ARG A 206 -41.78 3.12 -4.61
C ARG A 206 -42.56 2.71 -5.87
N ARG A 207 -42.41 3.44 -6.97
CA ARG A 207 -43.11 3.18 -8.26
C ARG A 207 -42.71 1.79 -8.78
N PHE A 208 -41.43 1.41 -8.64
CA PHE A 208 -40.86 0.11 -9.09
C PHE A 208 -41.61 -1.03 -8.42
N ARG A 209 -41.86 -0.88 -7.12
CA ARG A 209 -42.59 -1.84 -6.26
C ARG A 209 -44.07 -1.84 -6.68
N GLU A 210 -44.68 -0.67 -6.79
CA GLU A 210 -46.10 -0.49 -7.23
C GLU A 210 -46.29 -1.08 -8.63
N LEU A 211 -45.35 -0.88 -9.54
CA LEU A 211 -45.42 -1.39 -10.94
C LEU A 211 -45.12 -2.88 -10.96
N GLY A 212 -44.61 -3.43 -9.85
CA GLY A 212 -44.07 -4.80 -9.78
C GLY A 212 -43.13 -5.06 -10.95
N THR A 213 -42.22 -4.11 -11.21
CA THR A 213 -41.21 -4.19 -12.31
C THR A 213 -40.28 -5.37 -12.01
N SER A 214 -39.80 -6.03 -13.07
CA SER A 214 -38.96 -7.26 -12.98
C SER A 214 -37.57 -6.91 -12.43
N GLY A 215 -37.09 -7.68 -11.46
CA GLY A 215 -35.69 -7.63 -10.97
C GLY A 215 -35.55 -6.90 -9.65
N GLN A 216 -34.37 -6.30 -9.44
CA GLN A 216 -33.98 -5.66 -8.16
C GLN A 216 -33.43 -4.26 -8.46
N ILE A 217 -33.49 -3.35 -7.49
CA ILE A 217 -33.14 -1.92 -7.70
C ILE A 217 -32.30 -1.42 -6.51
N GLY A 218 -31.43 -0.45 -6.78
CA GLY A 218 -30.56 0.15 -5.74
C GLY A 218 -30.02 1.49 -6.16
N ILE A 219 -29.00 1.95 -5.42
CA ILE A 219 -28.26 3.22 -5.64
C ILE A 219 -26.76 2.86 -5.65
N ALA A 220 -25.93 3.64 -6.33
CA ALA A 220 -24.49 3.34 -6.54
C ALA A 220 -23.65 4.51 -6.08
N PRO A 221 -23.43 4.71 -4.76
CA PRO A 221 -22.54 5.76 -4.30
C PRO A 221 -21.09 5.48 -4.70
N ASN A 222 -20.36 6.52 -5.12
CA ASN A 222 -18.88 6.52 -5.06
C ASN A 222 -18.55 6.54 -3.58
N VAL A 223 -17.51 5.82 -3.21
CA VAL A 223 -17.19 5.50 -1.79
C VAL A 223 -15.75 5.96 -1.59
N SER A 224 -15.54 6.95 -0.73
CA SER A 224 -14.19 7.37 -0.31
C SER A 224 -13.81 6.58 0.94
N TRP A 225 -12.52 6.34 1.09
CA TRP A 225 -11.89 5.83 2.31
C TRP A 225 -10.71 6.75 2.66
N ALA A 226 -10.67 7.26 3.88
CA ALA A 226 -9.56 8.07 4.40
C ALA A 226 -9.05 7.44 5.70
N VAL A 227 -7.76 7.57 5.95
CA VAL A 227 -7.05 7.01 7.13
C VAL A 227 -6.27 8.15 7.76
N PRO A 228 -6.29 8.28 9.12
CA PRO A 228 -5.68 9.42 9.78
C PRO A 228 -4.14 9.37 9.82
N TYR A 229 -3.48 10.45 9.44
CA TYR A 229 -2.01 10.63 9.55
C TYR A 229 -1.54 10.49 11.01
N SER A 230 -2.37 10.94 11.95
CA SER A 230 -2.12 10.97 13.41
C SER A 230 -3.18 10.14 14.16
N THR A 231 -2.78 9.69 15.35
CA THR A 231 -3.65 9.09 16.40
C THR A 231 -4.53 10.18 17.03
N SER A 232 -4.41 11.44 16.60
CA SER A 232 -5.13 12.61 17.14
C SER A 232 -6.62 12.51 16.79
N GLU A 233 -7.49 12.96 17.69
CA GLU A 233 -8.97 12.95 17.53
C GLU A 233 -9.33 13.85 16.34
N GLU A 234 -8.66 14.99 16.20
CA GLU A 234 -9.00 16.00 15.14
C GLU A 234 -8.71 15.38 13.76
N ASP A 235 -7.62 14.61 13.63
CA ASP A 235 -7.24 13.91 12.36
C ASP A 235 -8.24 12.78 12.08
N LYS A 236 -8.71 12.08 13.12
CA LYS A 236 -9.68 10.97 12.98
C LYS A 236 -11.02 11.55 12.50
N ALA A 237 -11.43 12.70 13.03
CA ALA A 237 -12.70 13.41 12.70
C ALA A 237 -12.67 13.89 11.24
N ALA A 238 -11.52 14.43 10.80
CA ALA A 238 -11.30 14.86 9.41
C ALA A 238 -11.53 13.67 8.45
N CYS A 239 -10.97 12.51 8.74
CA CYS A 239 -11.21 11.28 7.94
C CYS A 239 -12.71 10.96 7.98
N ALA A 240 -13.31 10.95 9.17
CA ALA A 240 -14.74 10.59 9.36
C ALA A 240 -15.59 11.47 8.44
N ARG A 241 -15.31 12.77 8.41
CA ARG A 241 -16.07 13.76 7.59
C ARG A 241 -15.95 13.40 6.11
N THR A 242 -14.71 13.14 5.67
CA THR A 242 -14.36 12.79 4.25
C THR A 242 -15.10 11.51 3.87
N ILE A 243 -15.09 10.48 4.74
CA ILE A 243 -15.66 9.13 4.44
C ILE A 243 -17.18 9.24 4.38
N SER A 244 -17.76 9.97 5.32
CA SER A 244 -19.20 9.97 5.61
C SER A 244 -19.95 10.75 4.53
N LEU A 245 -19.35 11.80 3.98
CA LEU A 245 -20.02 12.66 2.98
C LEU A 245 -20.24 11.92 1.66
N HIS A 246 -19.40 10.93 1.35
CA HIS A 246 -19.45 10.14 0.10
C HIS A 246 -20.49 9.02 0.21
N SER A 247 -20.57 8.39 1.39
CA SER A 247 -21.33 7.14 1.64
C SER A 247 -22.48 7.41 2.62
N ASP A 248 -22.13 7.63 3.88
CA ASP A 248 -23.07 7.78 5.03
C ASP A 248 -24.14 8.83 4.74
N TRP A 249 -23.75 9.95 4.11
CA TRP A 249 -24.66 11.11 3.87
C TRP A 249 -25.87 10.68 3.04
N PHE A 250 -25.70 9.71 2.12
CA PHE A 250 -26.78 9.19 1.25
C PHE A 250 -27.30 7.84 1.76
N LEU A 251 -26.45 7.07 2.46
CA LEU A 251 -26.80 5.68 2.87
C LEU A 251 -27.49 5.67 4.24
N GLN A 252 -27.12 6.54 5.17
CA GLN A 252 -27.74 6.56 6.53
C GLN A 252 -29.21 6.90 6.40
N PRO A 253 -29.62 7.87 5.56
CA PRO A 253 -31.05 8.14 5.34
C PRO A 253 -31.81 6.96 4.73
N ILE A 254 -31.23 6.29 3.74
CA ILE A 254 -31.91 5.17 3.02
C ILE A 254 -32.08 3.99 3.98
N TYR A 255 -31.10 3.78 4.87
CA TYR A 255 -31.00 2.54 5.68
C TYR A 255 -31.41 2.78 7.13
N GLN A 256 -31.27 4.00 7.67
CA GLN A 256 -31.52 4.32 9.11
C GLN A 256 -32.38 5.58 9.26
N GLY A 257 -33.00 6.05 8.17
CA GLY A 257 -33.94 7.19 8.14
C GLY A 257 -33.43 8.46 8.79
N SER A 258 -32.11 8.70 8.81
CA SER A 258 -31.52 9.97 9.32
C SER A 258 -30.24 10.32 8.55
N TYR A 259 -29.84 11.60 8.63
CA TYR A 259 -28.53 12.10 8.15
C TYR A 259 -27.50 11.94 9.26
N PRO A 260 -26.21 11.71 8.95
CA PRO A 260 -25.16 11.69 9.97
C PRO A 260 -25.16 13.00 10.75
N GLN A 261 -25.54 12.95 12.03
CA GLN A 261 -25.75 14.14 12.88
C GLN A 261 -24.48 15.02 12.85
N PHE A 262 -23.30 14.43 12.89
CA PHE A 262 -22.01 15.16 13.06
C PHE A 262 -21.75 16.02 11.82
N LEU A 263 -22.22 15.59 10.63
CA LEU A 263 -22.10 16.35 9.35
C LEU A 263 -23.19 17.42 9.27
N VAL A 264 -24.39 17.15 9.79
CA VAL A 264 -25.49 18.15 9.89
C VAL A 264 -25.01 19.29 10.80
N ASP A 265 -24.37 18.95 11.91
CA ASP A 265 -23.82 19.95 12.88
C ASP A 265 -22.74 20.76 12.17
N TRP A 266 -21.86 20.08 11.43
CA TRP A 266 -20.71 20.67 10.71
C TRP A 266 -21.21 21.71 9.69
N PHE A 267 -22.23 21.33 8.92
CA PHE A 267 -22.82 22.15 7.83
C PHE A 267 -23.63 23.30 8.45
N ALA A 268 -24.50 22.99 9.42
CA ALA A 268 -25.30 23.98 10.18
C ALA A 268 -24.39 25.14 10.64
N GLU A 269 -23.18 24.83 11.11
CA GLU A 269 -22.16 25.83 11.57
C GLU A 269 -21.64 26.66 10.40
N GLN A 270 -21.85 26.22 9.15
CA GLN A 270 -21.53 27.00 7.92
C GLN A 270 -22.83 27.59 7.35
N GLY A 271 -23.92 27.59 8.13
CA GLY A 271 -25.20 28.22 7.80
C GLY A 271 -26.01 27.46 6.77
N ALA A 272 -25.79 26.15 6.64
CA ALA A 272 -26.56 25.28 5.72
C ALA A 272 -27.35 24.25 6.53
N THR A 273 -28.59 23.99 6.10
CA THR A 273 -29.49 22.97 6.69
C THR A 273 -30.13 22.19 5.52
N VAL A 274 -30.59 20.98 5.82
CA VAL A 274 -31.23 20.07 4.83
C VAL A 274 -32.69 20.49 4.72
N PRO A 275 -33.18 20.84 3.50
CA PRO A 275 -34.57 21.25 3.30
C PRO A 275 -35.55 20.07 3.38
N ILE A 276 -35.69 19.50 4.58
CA ILE A 276 -36.49 18.28 4.89
C ILE A 276 -37.94 18.68 5.15
N GLN A 277 -38.85 18.19 4.32
CA GLN A 277 -40.31 18.40 4.46
C GLN A 277 -40.93 17.13 5.04
N ASP A 278 -42.24 17.13 5.28
CA ASP A 278 -42.93 15.98 5.93
C ASP A 278 -42.98 14.83 4.94
N GLY A 279 -42.63 13.63 5.40
CA GLY A 279 -42.69 12.37 4.62
C GLY A 279 -41.48 12.20 3.73
N ASP A 280 -40.53 13.14 3.74
CA ASP A 280 -39.31 13.06 2.90
C ASP A 280 -38.49 11.86 3.37
N MET A 281 -38.15 11.81 4.66
CA MET A 281 -37.32 10.72 5.26
C MET A 281 -37.99 9.36 5.03
N ASP A 282 -39.32 9.29 5.13
CA ASP A 282 -40.13 8.06 4.92
C ASP A 282 -39.94 7.57 3.50
N ILE A 283 -39.98 8.50 2.54
CA ILE A 283 -39.80 8.21 1.09
C ILE A 283 -38.38 7.67 0.89
N ILE A 284 -37.37 8.35 1.47
CA ILE A 284 -35.92 8.06 1.28
C ILE A 284 -35.60 6.66 1.85
N GLY A 285 -36.29 6.27 2.93
CA GLY A 285 -36.08 5.00 3.64
C GLY A 285 -36.73 3.81 2.94
N GLU A 286 -37.29 4.00 1.75
CA GLU A 286 -37.95 2.91 0.96
C GLU A 286 -36.93 1.79 0.70
N PRO A 287 -37.11 0.58 1.27
CA PRO A 287 -36.10 -0.48 1.20
C PRO A 287 -35.55 -0.76 -0.20
N ILE A 288 -34.26 -1.07 -0.31
CA ILE A 288 -33.56 -1.35 -1.61
C ILE A 288 -32.85 -2.71 -1.55
N ASP A 289 -32.75 -3.35 -2.70
CA ASP A 289 -32.28 -4.76 -2.82
C ASP A 289 -30.76 -4.84 -2.69
N MET A 290 -30.04 -3.87 -3.27
CA MET A 290 -28.56 -3.84 -3.22
C MET A 290 -28.07 -2.40 -3.35
N ILE A 291 -26.77 -2.18 -3.15
CA ILE A 291 -26.08 -0.93 -3.57
C ILE A 291 -25.01 -1.32 -4.60
N GLY A 292 -24.64 -0.37 -5.45
CA GLY A 292 -23.33 -0.38 -6.13
C GLY A 292 -22.33 0.42 -5.30
N ILE A 293 -21.06 0.04 -5.27
CA ILE A 293 -20.01 0.97 -4.76
C ILE A 293 -18.98 1.16 -5.86
N ASN A 294 -18.65 2.42 -6.14
CA ASN A 294 -17.56 2.82 -7.05
C ASN A 294 -16.34 3.11 -6.18
N TYR A 295 -15.31 2.29 -6.30
CA TYR A 295 -14.04 2.46 -5.55
C TYR A 295 -12.93 2.62 -6.58
N TYR A 296 -12.00 3.54 -6.30
CA TYR A 296 -10.85 3.85 -7.17
C TYR A 296 -9.57 3.97 -6.32
N SER A 297 -9.65 4.81 -5.30
CA SER A 297 -8.51 5.23 -4.44
C SER A 297 -8.95 5.42 -2.99
N MET A 298 -7.95 5.45 -2.12
CA MET A 298 -8.06 5.77 -0.67
C MET A 298 -6.93 6.76 -0.34
N SER A 299 -6.96 7.39 0.83
CA SER A 299 -6.02 8.51 1.13
C SER A 299 -5.68 8.54 2.61
N VAL A 300 -4.57 9.19 2.96
CA VAL A 300 -4.19 9.56 4.36
C VAL A 300 -4.46 11.07 4.51
N ASN A 301 -5.36 11.44 5.43
CA ASN A 301 -5.84 12.83 5.65
C ASN A 301 -5.57 13.28 7.10
N ARG A 302 -5.20 14.56 7.23
CA ARG A 302 -4.81 15.26 8.49
C ARG A 302 -5.83 16.40 8.62
N PHE A 303 -6.17 16.81 9.85
CA PHE A 303 -7.06 17.98 10.07
C PHE A 303 -6.32 19.24 9.61
N ASN A 304 -6.99 20.11 8.85
CA ASN A 304 -6.42 21.42 8.44
C ASN A 304 -7.57 22.41 8.25
N PRO A 305 -7.58 23.52 9.01
CA PRO A 305 -8.70 24.47 8.97
C PRO A 305 -8.89 25.12 7.59
N GLU A 306 -7.81 25.29 6.84
CA GLU A 306 -7.79 25.99 5.52
C GLU A 306 -7.93 24.98 4.37
N ALA A 307 -8.33 23.73 4.65
CA ALA A 307 -8.36 22.64 3.65
C ALA A 307 -9.80 22.35 3.24
N GLY A 308 -10.47 23.36 2.68
CA GLY A 308 -11.82 23.22 2.09
C GLY A 308 -12.89 23.14 3.15
N PHE A 309 -14.13 22.84 2.75
CA PHE A 309 -15.34 22.96 3.59
C PHE A 309 -15.39 21.81 4.60
N LEU A 310 -14.63 20.72 4.39
CA LEU A 310 -14.54 19.58 5.34
C LEU A 310 -13.28 19.67 6.20
N GLN A 311 -12.40 20.63 5.95
CA GLN A 311 -11.15 20.85 6.73
C GLN A 311 -10.42 19.51 6.90
N SER A 312 -10.31 18.76 5.79
CA SER A 312 -9.62 17.46 5.70
C SER A 312 -8.60 17.55 4.56
N GLU A 313 -7.31 17.59 4.93
CA GLU A 313 -6.15 17.70 4.00
C GLU A 313 -5.61 16.30 3.69
N GLU A 314 -5.71 15.89 2.42
CA GLU A 314 -5.01 14.69 1.85
C GLU A 314 -3.51 14.90 1.94
N ILE A 315 -2.76 13.88 2.31
CA ILE A 315 -1.27 13.93 2.40
C ILE A 315 -0.72 13.08 1.28
N ASN A 316 0.37 13.54 0.66
CA ASN A 316 1.12 12.77 -0.36
C ASN A 316 2.06 11.77 0.36
N MET A 317 1.64 10.52 0.49
CA MET A 317 2.40 9.49 1.24
C MET A 317 3.53 8.94 0.39
N GLY A 318 3.76 9.54 -0.80
CA GLY A 318 4.84 9.19 -1.73
C GLY A 318 4.52 7.94 -2.53
N LEU A 319 3.27 7.46 -2.47
CA LEU A 319 2.84 6.19 -3.12
C LEU A 319 2.83 6.40 -4.63
N PRO A 320 2.96 5.34 -5.45
CA PRO A 320 2.84 5.47 -6.90
C PRO A 320 1.38 5.79 -7.28
N VAL A 321 1.19 6.56 -8.34
CA VAL A 321 -0.14 7.09 -8.75
C VAL A 321 -0.45 6.67 -10.19
N THR A 322 -1.73 6.50 -10.52
CA THR A 322 -2.24 6.29 -11.90
C THR A 322 -1.98 7.59 -12.69
N ASP A 323 -2.15 7.55 -14.02
CA ASP A 323 -1.81 8.66 -14.93
C ASP A 323 -2.64 9.91 -14.61
N ILE A 324 -3.78 9.73 -13.93
CA ILE A 324 -4.64 10.84 -13.45
C ILE A 324 -4.18 11.28 -12.04
N GLY A 325 -3.15 10.66 -11.48
CA GLY A 325 -2.50 11.12 -10.23
C GLY A 325 -3.13 10.55 -8.97
N TRP A 326 -4.03 9.56 -9.09
CA TRP A 326 -4.61 8.85 -7.92
C TRP A 326 -3.63 7.78 -7.45
N PRO A 327 -3.31 7.71 -6.14
CA PRO A 327 -2.52 6.61 -5.61
C PRO A 327 -3.32 5.30 -5.64
N VAL A 328 -2.62 4.18 -5.83
CA VAL A 328 -3.24 2.83 -5.86
C VAL A 328 -2.94 2.18 -4.51
N GLU A 329 -3.99 1.88 -3.75
CA GLU A 329 -3.89 1.23 -2.42
C GLU A 329 -5.15 0.38 -2.31
N SER A 330 -5.10 -0.85 -2.81
CA SER A 330 -6.27 -1.75 -2.93
C SER A 330 -6.96 -1.95 -1.57
N ARG A 331 -6.21 -1.92 -0.47
CA ARG A 331 -6.75 -2.29 0.87
C ARG A 331 -7.87 -1.34 1.31
N GLY A 332 -8.00 -0.17 0.71
CA GLY A 332 -9.17 0.71 0.96
C GLY A 332 -10.47 0.04 0.58
N LEU A 333 -10.50 -0.69 -0.52
CA LEU A 333 -11.72 -1.40 -1.00
C LEU A 333 -12.15 -2.43 0.06
N TYR A 334 -11.19 -3.14 0.65
CA TYR A 334 -11.42 -4.13 1.75
C TYR A 334 -11.95 -3.41 2.99
N GLU A 335 -11.33 -2.29 3.37
CA GLU A 335 -11.68 -1.50 4.57
C GLU A 335 -13.12 -0.98 4.43
N VAL A 336 -13.49 -0.45 3.27
CA VAL A 336 -14.80 0.24 3.05
C VAL A 336 -15.89 -0.82 2.97
N LEU A 337 -15.59 -2.00 2.43
CA LEU A 337 -16.57 -3.11 2.39
C LEU A 337 -16.91 -3.55 3.82
N HIS A 338 -15.92 -3.61 4.72
CA HIS A 338 -16.14 -3.91 6.17
C HIS A 338 -16.88 -2.76 6.86
N TYR A 339 -16.55 -1.52 6.55
CA TYR A 339 -17.15 -0.32 7.17
C TYR A 339 -18.65 -0.25 6.85
N LEU A 340 -19.02 -0.63 5.61
CA LEU A 340 -20.41 -0.55 5.08
C LEU A 340 -21.30 -1.61 5.74
N GLN A 341 -20.72 -2.53 6.51
CA GLN A 341 -21.47 -3.60 7.21
C GLN A 341 -22.25 -3.00 8.38
N LYS A 342 -22.01 -1.72 8.71
CA LYS A 342 -22.82 -0.95 9.67
C LYS A 342 -24.29 -0.90 9.22
N TYR A 343 -24.55 -1.06 7.91
CA TYR A 343 -25.91 -1.15 7.31
C TYR A 343 -26.34 -2.61 7.22
N GLY A 344 -25.57 -3.52 7.83
CA GLY A 344 -25.75 -4.97 7.71
C GLY A 344 -25.01 -5.54 6.52
N ASN A 345 -25.03 -6.86 6.37
CA ASN A 345 -24.45 -7.62 5.23
C ASN A 345 -25.39 -7.44 4.02
N ILE A 346 -25.46 -6.22 3.50
CA ILE A 346 -26.21 -5.90 2.26
C ILE A 346 -25.46 -6.51 1.06
N ASP A 347 -26.24 -6.81 0.02
CA ASP A 347 -25.78 -7.23 -1.32
C ASP A 347 -25.07 -6.02 -1.93
N ILE A 348 -23.75 -6.13 -2.12
CA ILE A 348 -22.90 -5.06 -2.69
C ILE A 348 -22.37 -5.55 -4.04
N TYR A 349 -22.38 -4.68 -5.04
CA TYR A 349 -21.72 -4.90 -6.35
C TYR A 349 -20.65 -3.82 -6.49
N ILE A 350 -19.46 -4.18 -6.96
CA ILE A 350 -18.48 -3.15 -7.40
C ILE A 350 -18.92 -2.73 -8.80
N THR A 351 -19.64 -1.62 -8.89
CA THR A 351 -20.28 -1.10 -10.13
C THR A 351 -19.25 -0.31 -10.93
N GLU A 352 -18.21 0.20 -10.25
CA GLU A 352 -17.02 0.81 -10.89
C GLU A 352 -15.76 0.47 -10.11
N ASN A 353 -14.72 0.05 -10.84
CA ASN A 353 -13.33 -0.05 -10.33
C ASN A 353 -12.41 -0.05 -11.54
N GLY A 354 -11.33 0.74 -11.49
CA GLY A 354 -10.40 0.85 -12.61
C GLY A 354 -9.33 1.89 -12.38
N ALA A 355 -8.39 1.93 -13.34
CA ALA A 355 -7.20 2.80 -13.29
C ALA A 355 -7.13 3.62 -14.56
N CYS A 356 -6.64 4.86 -14.45
CA CYS A 356 -6.26 5.71 -15.60
C CYS A 356 -4.82 5.40 -15.98
N ILE A 357 -4.65 4.71 -17.11
CA ILE A 357 -3.37 4.29 -17.74
C ILE A 357 -3.46 4.69 -19.21
N ASN A 358 -2.65 5.66 -19.62
CA ASN A 358 -2.79 6.36 -20.92
C ASN A 358 -1.99 5.65 -22.02
N ASP A 359 -1.69 4.36 -21.90
CA ASP A 359 -0.91 3.62 -22.93
C ASP A 359 -1.76 3.57 -24.21
N GLU A 360 -1.11 3.83 -25.35
CA GLU A 360 -1.74 3.93 -26.69
C GLU A 360 -1.34 2.70 -27.52
N VAL A 361 -1.82 2.61 -28.76
CA VAL A 361 -1.61 1.41 -29.63
C VAL A 361 -0.19 1.49 -30.21
N VAL A 362 0.64 0.49 -29.90
CA VAL A 362 2.05 0.39 -30.38
C VAL A 362 2.26 -1.04 -30.91
N ASN A 363 2.52 -1.17 -32.21
CA ASN A 363 2.73 -2.47 -32.90
C ASN A 363 1.47 -3.34 -32.73
N GLY A 364 0.29 -2.71 -32.82
CA GLY A 364 -1.02 -3.40 -32.92
C GLY A 364 -1.64 -3.77 -31.58
N LYS A 365 -1.03 -3.38 -30.45
CA LYS A 365 -1.52 -3.75 -29.11
C LYS A 365 -1.28 -2.61 -28.11
N VAL A 366 -2.03 -2.64 -27.01
CA VAL A 366 -1.85 -1.71 -25.84
C VAL A 366 -1.28 -2.50 -24.68
N GLN A 367 -0.07 -2.14 -24.25
CA GLN A 367 0.75 -2.87 -23.25
C GLN A 367 0.48 -2.24 -21.88
N ASP A 368 -0.77 -2.29 -21.42
CA ASP A 368 -1.26 -1.59 -20.19
C ASP A 368 -1.08 -2.52 -18.98
N ASP A 369 0.16 -2.94 -18.75
CA ASP A 369 0.54 -3.86 -17.66
C ASP A 369 0.09 -3.24 -16.33
N ARG A 370 0.18 -1.92 -16.19
CA ARG A 370 -0.16 -1.18 -14.95
C ARG A 370 -1.66 -1.27 -14.66
N ARG A 371 -2.49 -1.42 -15.69
CA ARG A 371 -3.95 -1.62 -15.51
C ARG A 371 -4.19 -3.02 -14.99
N ILE A 372 -3.50 -4.01 -15.55
CA ILE A 372 -3.56 -5.43 -15.10
C ILE A 372 -3.13 -5.50 -13.63
N SER A 373 -2.02 -4.84 -13.30
CA SER A 373 -1.45 -4.76 -11.93
C SER A 373 -2.49 -4.17 -10.97
N TYR A 374 -3.12 -3.07 -11.36
CA TYR A 374 -4.17 -2.37 -10.58
C TYR A 374 -5.31 -3.38 -10.34
N MET A 375 -5.86 -3.93 -11.41
CA MET A 375 -7.06 -4.82 -11.36
C MET A 375 -6.77 -6.01 -10.45
N GLN A 376 -5.55 -6.57 -10.55
CA GLN A 376 -5.07 -7.74 -9.79
C GLN A 376 -5.16 -7.50 -8.28
N GLN A 377 -4.60 -6.38 -7.82
CA GLN A 377 -4.60 -5.99 -6.39
C GLN A 377 -6.05 -5.86 -5.91
N HIS A 378 -6.92 -5.23 -6.69
CA HIS A 378 -8.31 -4.90 -6.31
C HIS A 378 -9.18 -6.17 -6.29
N LEU A 379 -8.98 -7.09 -7.24
CA LEU A 379 -9.80 -8.35 -7.30
C LEU A 379 -9.40 -9.29 -6.16
N VAL A 380 -8.17 -9.16 -5.63
CA VAL A 380 -7.74 -9.89 -4.39
C VAL A 380 -8.60 -9.40 -3.23
N GLN A 381 -8.75 -8.08 -3.11
CA GLN A 381 -9.53 -7.45 -2.01
C GLN A 381 -11.00 -7.83 -2.11
N VAL A 382 -11.52 -8.10 -3.32
CA VAL A 382 -12.94 -8.52 -3.53
C VAL A 382 -13.10 -9.94 -3.02
N HIS A 383 -12.19 -10.84 -3.42
CA HIS A 383 -12.10 -12.24 -2.92
C HIS A 383 -11.96 -12.22 -1.40
N ARG A 384 -11.09 -11.35 -0.89
CA ARG A 384 -10.71 -11.29 0.55
C ARG A 384 -11.96 -11.08 1.41
N ALA A 385 -12.85 -10.19 0.95
CA ALA A 385 -14.10 -9.81 1.66
C ALA A 385 -15.17 -10.87 1.47
N ILE A 386 -15.28 -11.46 0.28
CA ILE A 386 -16.25 -12.57 0.02
C ILE A 386 -15.93 -13.71 0.99
N HIS A 387 -14.63 -13.95 1.18
CA HIS A 387 -14.06 -14.99 2.07
C HIS A 387 -14.36 -14.64 3.55
N ASP A 388 -14.54 -13.36 3.87
CA ASP A 388 -15.01 -12.91 5.22
C ASP A 388 -16.54 -12.99 5.32
N GLY A 389 -17.23 -13.54 4.31
CA GLY A 389 -18.68 -13.78 4.30
C GLY A 389 -19.50 -12.55 3.91
N LEU A 390 -18.87 -11.51 3.37
CA LEU A 390 -19.57 -10.29 2.88
C LEU A 390 -20.25 -10.64 1.56
N HIS A 391 -21.45 -10.11 1.30
CA HIS A 391 -22.27 -10.42 0.11
C HIS A 391 -21.89 -9.48 -1.03
N VAL A 392 -20.62 -9.56 -1.46
CA VAL A 392 -20.13 -8.92 -2.72
C VAL A 392 -20.52 -9.86 -3.86
N LYS A 393 -21.43 -9.42 -4.71
CA LYS A 393 -22.17 -10.25 -5.70
C LYS A 393 -21.52 -10.15 -7.08
N GLY A 394 -20.71 -9.11 -7.32
CA GLY A 394 -20.23 -8.81 -8.68
C GLY A 394 -19.19 -7.71 -8.70
N TYR A 395 -18.57 -7.54 -9.87
CA TYR A 395 -17.47 -6.58 -10.13
C TYR A 395 -17.59 -6.14 -11.59
N MET A 396 -17.62 -4.82 -11.78
CA MET A 396 -17.74 -4.18 -13.11
C MET A 396 -16.55 -3.26 -13.30
N ALA A 397 -15.69 -3.55 -14.27
CA ALA A 397 -14.50 -2.76 -14.60
C ALA A 397 -14.96 -1.44 -15.22
N TRP A 398 -14.51 -0.32 -14.66
CA TRP A 398 -14.57 0.97 -15.35
C TRP A 398 -13.26 1.15 -16.08
N SER A 399 -13.27 1.06 -17.42
CA SER A 399 -14.47 1.09 -18.26
C SER A 399 -14.31 0.10 -19.42
N LEU A 400 -15.41 -0.29 -20.09
CA LEU A 400 -15.33 -1.07 -21.36
C LEU A 400 -14.43 -0.35 -22.37
N LEU A 401 -14.65 0.96 -22.52
CA LEU A 401 -14.04 1.77 -23.61
C LEU A 401 -13.34 2.97 -22.99
N ASP A 402 -12.19 3.36 -23.54
CA ASP A 402 -11.70 4.75 -23.36
C ASP A 402 -12.89 5.64 -23.71
N ASN A 403 -13.19 6.64 -22.88
CA ASN A 403 -14.43 7.46 -23.05
C ASN A 403 -14.12 8.92 -22.74
N PHE A 404 -15.16 9.75 -22.71
CA PHE A 404 -15.11 11.17 -22.28
C PHE A 404 -15.08 11.20 -20.74
N GLU A 405 -13.89 11.34 -20.15
CA GLU A 405 -13.71 11.40 -18.68
C GLU A 405 -14.03 12.81 -18.17
N TRP A 406 -15.26 13.29 -18.42
CA TRP A 406 -15.83 14.52 -17.83
C TRP A 406 -14.86 15.69 -18.04
N ALA A 407 -14.36 16.30 -16.96
CA ALA A 407 -13.59 17.56 -17.01
C ALA A 407 -12.14 17.31 -17.42
N GLU A 408 -11.73 16.05 -17.55
CA GLU A 408 -10.38 15.66 -18.08
C GLU A 408 -10.48 15.42 -19.59
N GLY A 409 -11.70 15.36 -20.15
CA GLY A 409 -11.93 15.12 -21.59
C GLY A 409 -11.45 13.74 -21.99
N TYR A 410 -10.80 13.62 -23.15
CA TYR A 410 -10.32 12.31 -23.68
C TYR A 410 -8.89 12.04 -23.20
N SER A 411 -8.31 12.95 -22.43
CA SER A 411 -6.88 12.90 -22.00
C SER A 411 -6.66 11.75 -21.01
N MET A 412 -7.66 11.34 -20.24
CA MET A 412 -7.49 10.28 -19.22
C MET A 412 -8.25 9.03 -19.66
N ARG A 413 -7.50 7.95 -19.89
CA ARG A 413 -8.00 6.67 -20.45
C ARG A 413 -8.21 5.68 -19.31
N PHE A 414 -9.43 5.20 -19.13
CA PHE A 414 -9.80 4.20 -18.11
C PHE A 414 -10.22 2.87 -18.77
N GLY A 415 -10.35 2.88 -20.09
CA GLY A 415 -10.93 1.76 -20.84
C GLY A 415 -10.08 0.51 -20.78
N ILE A 416 -10.74 -0.64 -20.94
CA ILE A 416 -10.14 -1.99 -21.05
C ILE A 416 -9.94 -2.27 -22.55
N ILE A 417 -10.63 -1.50 -23.39
CA ILE A 417 -10.53 -1.49 -24.87
C ILE A 417 -10.10 -0.09 -25.29
N HIS A 418 -9.08 0.04 -26.13
CA HIS A 418 -8.57 1.34 -26.64
C HIS A 418 -9.54 1.85 -27.69
N VAL A 419 -9.84 3.15 -27.71
CA VAL A 419 -10.70 3.80 -28.76
C VAL A 419 -9.91 4.97 -29.36
N ASP A 420 -9.78 5.01 -30.69
CA ASP A 420 -9.17 6.15 -31.41
C ASP A 420 -10.30 7.12 -31.79
N PHE A 421 -10.24 8.36 -31.33
CA PHE A 421 -11.33 9.35 -31.47
C PHE A 421 -11.23 10.07 -32.82
N ARG A 422 -10.37 9.57 -33.71
CA ARG A 422 -10.22 10.10 -35.09
C ARG A 422 -10.93 9.12 -36.03
N THR A 423 -10.80 7.82 -35.73
CA THR A 423 -11.22 6.70 -36.61
C THR A 423 -12.28 5.83 -35.94
N GLN A 424 -12.48 5.98 -34.62
CA GLN A 424 -13.46 5.19 -33.80
C GLN A 424 -13.09 3.71 -33.84
N VAL A 425 -11.80 3.40 -34.07
CA VAL A 425 -11.28 2.00 -34.08
C VAL A 425 -11.18 1.51 -32.63
N ARG A 426 -11.73 0.33 -32.36
CA ARG A 426 -11.59 -0.40 -31.08
C ARG A 426 -10.36 -1.31 -31.17
N THR A 427 -9.46 -1.23 -30.19
CA THR A 427 -8.34 -2.18 -29.99
C THR A 427 -8.37 -2.71 -28.57
N PRO A 428 -8.87 -3.93 -28.31
CA PRO A 428 -8.75 -4.56 -27.00
C PRO A 428 -7.30 -4.50 -26.50
N LYS A 429 -7.13 -3.98 -25.28
CA LYS A 429 -5.80 -3.79 -24.63
C LYS A 429 -5.39 -5.12 -24.00
N GLU A 430 -4.17 -5.20 -23.49
CA GLU A 430 -3.68 -6.45 -22.83
C GLU A 430 -4.61 -6.76 -21.67
N SER A 431 -5.06 -5.73 -20.95
CA SER A 431 -5.98 -5.86 -19.79
C SER A 431 -7.25 -6.61 -20.21
N TYR A 432 -7.79 -6.33 -21.41
CA TYR A 432 -8.99 -7.00 -21.95
C TYR A 432 -8.79 -8.51 -21.98
N TYR A 433 -7.63 -8.94 -22.50
CA TYR A 433 -7.26 -10.36 -22.67
C TYR A 433 -6.93 -10.98 -21.31
N TRP A 434 -6.32 -10.21 -20.40
CA TRP A 434 -6.00 -10.68 -19.03
C TRP A 434 -7.30 -10.93 -18.27
N TYR A 435 -8.20 -9.95 -18.30
CA TYR A 435 -9.54 -9.96 -17.67
C TYR A 435 -10.36 -11.11 -18.25
N ARG A 436 -10.27 -11.35 -19.56
CA ARG A 436 -11.02 -12.43 -20.25
C ARG A 436 -10.65 -13.78 -19.61
N LYS A 437 -9.43 -13.91 -19.08
CA LYS A 437 -8.95 -15.12 -18.34
C LYS A 437 -9.34 -15.08 -16.86
N VAL A 438 -9.82 -13.95 -16.36
CA VAL A 438 -10.20 -13.79 -14.93
C VAL A 438 -11.70 -14.01 -14.81
N VAL A 439 -12.48 -13.82 -15.91
CA VAL A 439 -13.98 -13.94 -15.88
C VAL A 439 -14.33 -15.35 -16.34
N GLY A 440 -13.61 -15.87 -17.35
CA GLY A 440 -13.92 -17.15 -18.02
C GLY A 440 -13.50 -18.34 -17.18
N ASN A 441 -12.35 -18.26 -16.53
CA ASN A 441 -11.87 -19.27 -15.55
C ASN A 441 -12.66 -19.15 -14.25
N ASN A 442 -12.99 -17.91 -13.87
CA ASN A 442 -13.66 -17.54 -12.59
C ASN A 442 -12.71 -17.82 -11.42
N TRP A 443 -11.41 -17.79 -11.70
CA TRP A 443 -10.37 -17.65 -10.66
C TRP A 443 -9.28 -16.70 -11.15
N LEU A 444 -8.43 -16.28 -10.22
CA LEU A 444 -7.33 -15.32 -10.41
C LEU A 444 -6.07 -15.92 -9.79
N GLU A 445 -4.95 -15.81 -10.51
CA GLU A 445 -3.60 -16.29 -10.11
C GLU A 445 -2.74 -15.02 -9.99
N THR A 446 -2.51 -14.54 -8.77
CA THR A 446 -1.72 -13.30 -8.54
C THR A 446 -0.26 -13.70 -8.71
N ARG A 447 0.45 -13.09 -9.67
CA ARG A 447 1.88 -13.38 -9.92
C ARG A 447 2.44 -12.29 -10.84
N ARG A 448 3.62 -11.74 -10.49
CA ARG A 448 4.46 -10.91 -11.41
C ARG A 448 5.90 -10.82 -10.85
N MET B 1 4.48 17.60 -3.13
CA MET B 1 3.21 18.27 -2.74
C MET B 1 3.14 18.51 -1.23
N THR B 2 3.56 17.54 -0.41
CA THR B 2 3.60 17.67 1.07
C THR B 2 5.05 17.72 1.54
N ILE B 3 5.29 18.58 2.55
CA ILE B 3 6.61 18.83 3.20
C ILE B 3 6.62 18.12 4.55
N PHE B 4 7.68 17.34 4.82
CA PHE B 4 7.89 16.61 6.09
C PHE B 4 9.21 17.10 6.73
N GLN B 5 9.10 17.91 7.78
CA GLN B 5 10.26 18.50 8.49
C GLN B 5 10.67 17.57 9.63
N PHE B 6 11.97 17.28 9.74
CA PHE B 6 12.53 16.36 10.76
C PHE B 6 12.99 17.15 11.98
N PRO B 7 13.07 16.51 13.16
CA PRO B 7 13.56 17.17 14.37
C PRO B 7 15.00 17.67 14.17
N GLN B 8 15.38 18.72 14.90
CA GLN B 8 16.69 19.41 14.77
C GLN B 8 17.83 18.39 14.82
N ASP B 9 17.80 17.47 15.79
CA ASP B 9 18.96 16.62 16.16
C ASP B 9 18.82 15.22 15.57
N PHE B 10 17.94 15.03 14.57
CA PHE B 10 17.66 13.73 13.92
C PHE B 10 18.91 13.21 13.20
N MET B 11 19.23 11.96 13.49
CA MET B 11 20.49 11.31 13.10
C MET B 11 20.30 10.62 11.74
N TRP B 12 20.84 11.24 10.68
CA TRP B 12 20.86 10.67 9.32
C TRP B 12 22.10 9.79 9.16
N GLY B 13 21.94 8.63 8.53
CA GLY B 13 23.04 7.68 8.38
C GLY B 13 22.89 6.79 7.17
N THR B 14 23.88 5.91 6.97
CA THR B 14 24.00 4.78 6.00
C THR B 14 24.51 3.62 6.86
N ALA B 15 24.34 2.37 6.42
CA ALA B 15 24.73 1.15 7.20
C ALA B 15 25.47 0.15 6.31
N THR B 16 26.52 -0.49 6.85
CA THR B 16 27.22 -1.66 6.24
C THR B 16 27.51 -2.71 7.31
N ALA B 17 28.03 -3.85 6.88
CA ALA B 17 28.50 -4.95 7.75
C ALA B 17 29.89 -5.36 7.26
N ALA B 18 30.76 -5.77 8.18
CA ALA B 18 32.15 -6.21 7.91
C ALA B 18 32.19 -7.24 6.76
N TYR B 19 31.54 -8.41 6.89
CA TYR B 19 31.71 -9.51 5.89
C TYR B 19 31.19 -9.07 4.51
N GLN B 20 30.19 -8.19 4.47
CA GLN B 20 29.48 -7.79 3.23
C GLN B 20 30.34 -6.86 2.36
N ILE B 21 31.22 -6.05 2.97
CA ILE B 21 31.97 -4.97 2.24
C ILE B 21 33.50 -5.10 2.39
N GLU B 22 34.02 -5.67 3.49
CA GLU B 22 35.46 -5.55 3.87
C GLU B 22 36.37 -6.22 2.84
N GLY B 23 36.10 -7.48 2.49
CA GLY B 23 37.02 -8.32 1.69
C GLY B 23 38.24 -8.67 2.53
N ALA B 24 39.42 -8.76 1.91
CA ALA B 24 40.72 -9.01 2.60
C ALA B 24 40.55 -10.12 3.64
N TYR B 25 39.91 -11.22 3.26
CA TYR B 25 39.36 -12.24 4.19
C TYR B 25 40.49 -13.07 4.84
N GLN B 26 41.71 -13.00 4.30
CA GLN B 26 42.88 -13.78 4.82
C GLN B 26 44.02 -12.86 5.25
N GLU B 27 43.87 -11.55 5.01
CA GLU B 27 44.94 -10.55 5.25
C GLU B 27 45.08 -10.30 6.76
N ASP B 28 46.26 -9.83 7.18
CA ASP B 28 46.59 -9.34 8.55
C ASP B 28 46.03 -10.28 9.63
N GLY B 29 46.16 -11.60 9.43
CA GLY B 29 45.87 -12.65 10.43
C GLY B 29 44.39 -12.88 10.70
N ARG B 30 43.49 -12.44 9.82
CA ARG B 30 42.04 -12.69 9.99
C ARG B 30 41.80 -14.20 9.92
N GLY B 31 41.07 -14.72 10.91
CA GLY B 31 40.60 -16.12 10.96
C GLY B 31 39.29 -16.29 10.23
N LEU B 32 39.02 -17.51 9.75
CA LEU B 32 37.77 -17.81 9.00
C LEU B 32 36.58 -17.70 9.95
N SER B 33 35.55 -16.97 9.51
CA SER B 33 34.21 -16.94 10.17
C SER B 33 33.35 -18.06 9.59
N ILE B 34 32.17 -18.28 10.16
CA ILE B 34 31.18 -19.30 9.70
C ILE B 34 30.67 -18.93 8.30
N TRP B 35 30.71 -17.66 7.92
CA TRP B 35 30.22 -17.18 6.60
C TRP B 35 31.26 -17.49 5.53
N ASP B 36 32.55 -17.42 5.88
CA ASP B 36 33.66 -17.84 4.97
C ASP B 36 33.42 -19.32 4.64
N THR B 37 33.19 -20.13 5.67
CA THR B 37 32.97 -21.61 5.54
C THR B 37 31.75 -21.83 4.64
N PHE B 38 30.65 -21.14 4.95
CA PHE B 38 29.32 -21.27 4.31
C PHE B 38 29.40 -20.83 2.83
N ALA B 39 30.09 -19.72 2.56
CA ALA B 39 30.21 -19.16 1.19
C ALA B 39 31.13 -20.06 0.33
N HIS B 40 32.00 -20.83 0.98
CA HIS B 40 32.97 -21.74 0.30
C HIS B 40 32.34 -23.12 0.08
N THR B 41 31.16 -23.37 0.61
CA THR B 41 30.43 -24.66 0.41
C THR B 41 29.51 -24.52 -0.80
N PRO B 42 29.63 -25.40 -1.83
CA PRO B 42 28.78 -25.29 -3.03
C PRO B 42 27.28 -25.44 -2.69
N GLY B 43 26.43 -24.63 -3.34
CA GLY B 43 24.96 -24.69 -3.20
C GLY B 43 24.45 -23.81 -2.06
N LYS B 44 25.35 -23.20 -1.28
CA LYS B 44 24.95 -22.39 -0.10
C LYS B 44 24.64 -20.95 -0.52
N VAL B 45 25.43 -20.41 -1.44
CA VAL B 45 25.28 -18.99 -1.89
C VAL B 45 25.12 -18.99 -3.41
N PHE B 46 24.16 -18.21 -3.91
CA PHE B 46 23.87 -18.08 -5.36
C PHE B 46 25.18 -17.80 -6.11
N ASN B 47 25.44 -18.57 -7.17
CA ASN B 47 26.54 -18.34 -8.16
C ASN B 47 27.89 -18.63 -7.48
N GLY B 48 27.90 -19.21 -6.28
CA GLY B 48 29.14 -19.49 -5.52
C GLY B 48 29.86 -18.22 -5.11
N ASP B 49 29.13 -17.11 -4.95
CA ASP B 49 29.69 -15.81 -4.52
C ASP B 49 30.15 -15.95 -3.06
N ASN B 50 31.18 -15.19 -2.67
CA ASN B 50 31.70 -15.16 -1.28
C ASN B 50 32.27 -13.77 -0.99
N GLY B 51 32.60 -13.50 0.28
CA GLY B 51 33.05 -12.17 0.74
C GLY B 51 34.56 -12.02 0.70
N ASN B 52 35.25 -12.79 -0.15
CA ASN B 52 36.74 -12.86 -0.21
C ASN B 52 37.31 -11.49 -0.56
N VAL B 53 36.68 -10.80 -1.52
CA VAL B 53 37.07 -9.43 -1.96
C VAL B 53 35.93 -8.46 -1.64
N ALA B 54 34.67 -8.89 -1.84
CA ALA B 54 33.48 -8.03 -1.63
C ALA B 54 33.71 -6.65 -2.29
N CYS B 55 33.61 -5.57 -1.51
CA CYS B 55 33.83 -4.16 -1.96
C CYS B 55 35.25 -3.73 -1.61
N ASP B 56 36.07 -4.65 -1.08
CA ASP B 56 37.49 -4.38 -0.74
C ASP B 56 37.58 -3.15 0.17
N SER B 57 36.61 -2.97 1.08
CA SER B 57 36.53 -1.79 1.98
C SER B 57 37.70 -1.79 2.98
N TYR B 58 38.34 -2.94 3.21
CA TYR B 58 39.55 -3.08 4.06
C TYR B 58 40.66 -2.14 3.60
N HIS B 59 40.81 -1.98 2.27
CA HIS B 59 41.81 -1.08 1.63
C HIS B 59 41.15 0.21 1.13
N ARG B 60 39.86 0.19 0.75
CA ARG B 60 39.18 1.33 0.08
C ARG B 60 38.35 2.17 1.07
N TYR B 61 38.58 2.02 2.38
CA TYR B 61 37.80 2.70 3.46
C TYR B 61 37.94 4.22 3.32
N GLU B 62 39.09 4.72 2.88
CA GLU B 62 39.33 6.18 2.73
C GLU B 62 38.35 6.77 1.71
N GLU B 63 38.20 6.09 0.57
CA GLU B 63 37.28 6.50 -0.53
C GLU B 63 35.85 6.52 0.00
N ASP B 64 35.40 5.43 0.63
CA ASP B 64 34.00 5.27 1.11
C ASP B 64 33.66 6.40 2.09
N ILE B 65 34.61 6.76 2.96
CA ILE B 65 34.41 7.79 4.03
C ILE B 65 34.29 9.17 3.37
N ARG B 66 35.05 9.43 2.30
CA ARG B 66 34.99 10.70 1.54
C ARG B 66 33.58 10.86 0.94
N LEU B 67 33.01 9.79 0.39
CA LEU B 67 31.66 9.76 -0.25
C LEU B 67 30.59 9.99 0.81
N MET B 68 30.82 9.54 2.04
CA MET B 68 29.93 9.79 3.20
C MET B 68 29.97 11.27 3.59
N LYS B 69 31.16 11.88 3.60
CA LYS B 69 31.34 13.30 3.99
C LYS B 69 30.58 14.19 2.99
N GLU B 70 30.73 13.90 1.70
CA GLU B 70 30.07 14.62 0.59
C GLU B 70 28.56 14.40 0.66
N LEU B 71 28.13 13.26 1.23
CA LEU B 71 26.70 12.95 1.48
C LEU B 71 26.14 13.85 2.58
N GLY B 72 27.02 14.37 3.47
CA GLY B 72 26.63 15.26 4.58
C GLY B 72 25.92 14.49 5.68
N ILE B 73 26.16 13.18 5.71
CA ILE B 73 25.53 12.21 6.66
C ILE B 73 26.09 12.51 8.04
N ARG B 74 25.42 12.05 9.10
CA ARG B 74 25.78 12.41 10.49
C ARG B 74 26.34 11.18 11.23
N THR B 75 25.76 10.00 11.00
CA THR B 75 26.20 8.71 11.59
C THR B 75 26.66 7.76 10.49
N TYR B 76 27.50 6.80 10.86
CA TYR B 76 27.86 5.66 10.00
C TYR B 76 27.73 4.37 10.81
N ARG B 77 26.80 3.50 10.46
CA ARG B 77 26.68 2.18 11.14
C ARG B 77 27.52 1.15 10.38
N PHE B 78 28.53 0.60 11.04
CA PHE B 78 29.40 -0.48 10.52
C PHE B 78 29.39 -1.62 11.54
N SER B 79 30.01 -2.74 11.19
CA SER B 79 30.17 -3.92 12.09
C SER B 79 31.65 -4.32 12.13
N VAL B 80 32.06 -4.93 13.25
CA VAL B 80 33.45 -5.41 13.51
C VAL B 80 33.48 -6.89 13.16
N SER B 81 34.42 -7.31 12.31
CA SER B 81 34.72 -8.75 12.07
C SER B 81 35.39 -9.29 13.35
N TRP B 82 34.60 -9.99 14.17
CA TRP B 82 35.09 -10.70 15.37
C TRP B 82 36.41 -11.40 15.03
N PRO B 83 36.46 -12.28 13.99
CA PRO B 83 37.68 -13.03 13.68
C PRO B 83 38.87 -12.16 13.21
N ARG B 84 38.68 -10.85 13.06
CA ARG B 84 39.83 -9.92 12.80
C ARG B 84 40.49 -9.57 14.13
N ILE B 85 39.73 -9.55 15.22
CA ILE B 85 40.23 -9.16 16.58
C ILE B 85 40.66 -10.43 17.33
N PHE B 86 39.81 -11.46 17.33
CA PHE B 86 40.10 -12.81 17.90
C PHE B 86 39.92 -13.87 16.81
N PRO B 87 40.94 -14.11 15.96
CA PRO B 87 40.84 -15.08 14.88
C PRO B 87 40.26 -16.45 15.29
N ASN B 88 40.50 -16.89 16.52
CA ASN B 88 39.97 -18.18 17.05
C ASN B 88 38.92 -17.92 18.14
N GLY B 89 38.69 -16.66 18.50
CA GLY B 89 37.82 -16.27 19.63
C GLY B 89 38.29 -16.92 20.92
N ASP B 90 39.62 -17.12 21.04
CA ASP B 90 40.27 -17.94 22.10
C ASP B 90 40.89 -17.03 23.17
N GLY B 91 41.04 -15.73 22.90
CA GLY B 91 41.59 -14.76 23.85
C GLY B 91 42.94 -14.22 23.42
N GLU B 92 43.53 -14.83 22.39
CA GLU B 92 44.74 -14.28 21.74
C GLU B 92 44.30 -13.20 20.73
N VAL B 93 44.48 -11.92 21.07
CA VAL B 93 44.00 -10.74 20.29
C VAL B 93 44.95 -10.49 19.09
N ASN B 94 44.41 -9.97 17.99
CA ASN B 94 45.14 -9.61 16.74
C ASN B 94 45.23 -8.08 16.65
N GLN B 95 46.43 -7.52 16.84
CA GLN B 95 46.66 -6.05 16.88
C GLN B 95 46.36 -5.42 15.51
N LYS B 96 46.58 -6.15 14.42
CA LYS B 96 46.31 -5.72 13.02
C LYS B 96 44.80 -5.54 12.81
N GLY B 97 44.00 -6.45 13.39
CA GLY B 97 42.53 -6.33 13.43
C GLY B 97 42.11 -4.98 13.99
N LEU B 98 42.57 -4.64 15.20
CA LEU B 98 42.24 -3.38 15.92
C LEU B 98 42.73 -2.17 15.12
N ASP B 99 43.96 -2.24 14.61
CA ASP B 99 44.63 -1.11 13.89
C ASP B 99 43.74 -0.63 12.74
N TYR B 100 43.16 -1.57 11.98
CA TYR B 100 42.24 -1.27 10.84
C TYR B 100 41.04 -0.47 11.34
N TYR B 101 40.39 -0.92 12.42
CA TYR B 101 39.17 -0.27 12.96
C TYR B 101 39.53 1.10 13.53
N HIS B 102 40.74 1.26 14.08
CA HIS B 102 41.23 2.57 14.59
C HIS B 102 41.43 3.54 13.41
N ARG B 103 41.98 3.07 12.29
CA ARG B 103 42.19 3.89 11.05
C ARG B 103 40.81 4.36 10.56
N VAL B 104 39.88 3.42 10.41
CA VAL B 104 38.49 3.65 9.91
C VAL B 104 37.80 4.66 10.83
N VAL B 105 37.68 4.31 12.11
CA VAL B 105 36.96 5.11 13.14
C VAL B 105 37.60 6.50 13.27
N ASP B 106 38.93 6.60 13.24
CA ASP B 106 39.65 7.90 13.41
C ASP B 106 39.32 8.83 12.25
N LEU B 107 39.20 8.29 11.03
CA LEU B 107 38.83 9.05 9.81
C LEU B 107 37.38 9.56 9.97
N LEU B 108 36.45 8.69 10.37
CA LEU B 108 35.02 9.02 10.58
C LEU B 108 34.91 10.21 11.55
N ASN B 109 35.66 10.17 12.66
CA ASN B 109 35.60 11.22 13.72
C ASN B 109 36.22 12.53 13.20
N ASP B 110 37.31 12.45 12.43
CA ASP B 110 37.97 13.64 11.81
C ASP B 110 37.03 14.31 10.81
N ASN B 111 36.15 13.53 10.16
CA ASN B 111 35.19 14.04 9.14
C ASN B 111 33.83 14.33 9.79
N GLY B 112 33.75 14.32 11.12
CA GLY B 112 32.53 14.72 11.86
C GLY B 112 31.39 13.74 11.67
N ILE B 113 31.69 12.51 11.25
CA ILE B 113 30.73 11.38 11.16
C ILE B 113 30.82 10.57 12.46
N GLU B 114 29.69 10.38 13.14
CA GLU B 114 29.61 9.63 14.42
C GLU B 114 29.53 8.14 14.13
N PRO B 115 30.55 7.33 14.53
CA PRO B 115 30.48 5.88 14.36
C PRO B 115 29.32 5.25 15.16
N PHE B 116 28.63 4.29 14.55
CA PHE B 116 27.54 3.47 15.15
C PHE B 116 27.95 2.00 15.04
N CYS B 117 28.53 1.44 16.10
CA CYS B 117 29.31 0.17 16.05
C CYS B 117 28.45 -1.02 16.45
N THR B 118 28.12 -1.87 15.47
CA THR B 118 27.52 -3.22 15.66
C THR B 118 28.67 -4.20 15.97
N LEU B 119 28.68 -4.83 17.14
CA LEU B 119 29.76 -5.78 17.53
C LEU B 119 29.61 -7.08 16.71
N TYR B 120 28.40 -7.65 16.66
CA TYR B 120 28.13 -8.94 15.98
C TYR B 120 27.18 -8.76 14.80
N HIS B 121 27.71 -8.91 13.58
CA HIS B 121 26.91 -8.93 12.32
C HIS B 121 27.16 -10.24 11.56
N TRP B 122 27.15 -11.35 12.31
CA TRP B 122 27.01 -12.77 11.86
C TRP B 122 28.39 -13.41 11.59
N ASP B 123 29.46 -12.68 11.88
CA ASP B 123 30.89 -13.02 11.64
C ASP B 123 31.46 -14.10 12.59
N LEU B 124 30.64 -14.95 13.23
CA LEU B 124 31.15 -15.90 14.27
C LEU B 124 32.40 -16.62 13.78
N PRO B 125 33.54 -16.57 14.52
CA PRO B 125 34.73 -17.33 14.14
C PRO B 125 34.49 -18.85 14.07
N GLN B 126 35.06 -19.53 13.06
CA GLN B 126 34.78 -20.97 12.79
C GLN B 126 35.30 -21.83 13.95
N ALA B 127 36.36 -21.37 14.62
CA ALA B 127 36.98 -22.01 15.81
C ALA B 127 35.90 -22.29 16.86
N LEU B 128 35.05 -21.30 17.14
CA LEU B 128 33.94 -21.42 18.13
C LEU B 128 32.82 -22.31 17.58
N GLN B 129 32.59 -22.29 16.26
CA GLN B 129 31.51 -23.09 15.61
C GLN B 129 31.91 -24.58 15.63
N ASP B 130 33.20 -24.87 15.55
CA ASP B 130 33.75 -26.26 15.68
C ASP B 130 33.31 -26.83 17.04
N ALA B 131 33.22 -26.00 18.08
CA ALA B 131 32.83 -26.38 19.46
C ALA B 131 31.31 -26.30 19.69
N GLY B 132 30.51 -26.06 18.65
CA GLY B 132 29.03 -25.98 18.73
C GLY B 132 28.49 -24.57 18.53
N GLY B 133 29.39 -23.58 18.43
CA GLY B 133 29.06 -22.16 18.20
C GLY B 133 28.11 -21.63 19.25
N TRP B 134 27.11 -20.85 18.85
CA TRP B 134 26.16 -20.18 19.78
C TRP B 134 25.35 -21.22 20.57
N GLY B 135 25.26 -22.47 20.10
CA GLY B 135 24.56 -23.56 20.82
C GLY B 135 25.30 -24.03 22.06
N ASN B 136 26.59 -23.67 22.13
CA ASN B 136 27.50 -23.96 23.27
C ASN B 136 27.66 -22.68 24.09
N ARG B 137 27.38 -22.76 25.39
CA ARG B 137 27.44 -21.61 26.33
C ARG B 137 28.87 -21.06 26.41
N ARG B 138 29.80 -21.72 25.72
CA ARG B 138 31.23 -21.31 25.73
C ARG B 138 31.39 -20.00 24.96
N THR B 139 30.59 -19.83 23.90
CA THR B 139 30.66 -18.67 22.97
C THR B 139 30.24 -17.40 23.73
N ILE B 140 29.30 -17.53 24.66
CA ILE B 140 28.82 -16.41 25.52
C ILE B 140 30.04 -15.74 26.16
N GLN B 141 30.90 -16.51 26.82
CA GLN B 141 32.10 -15.91 27.49
C GLN B 141 33.01 -15.33 26.41
N ALA B 142 33.17 -16.02 25.28
CA ALA B 142 34.04 -15.59 24.15
C ALA B 142 33.58 -14.22 23.63
N PHE B 143 32.27 -14.05 23.41
CA PHE B 143 31.68 -12.79 22.89
C PHE B 143 31.95 -11.63 23.85
N VAL B 144 31.81 -11.88 25.16
CA VAL B 144 31.93 -10.85 26.22
C VAL B 144 33.38 -10.34 26.25
N GLN B 145 34.37 -11.22 26.08
CA GLN B 145 35.79 -10.82 26.02
C GLN B 145 36.03 -9.97 24.77
N PHE B 146 35.40 -10.33 23.65
CA PHE B 146 35.41 -9.55 22.39
C PHE B 146 34.78 -8.19 22.65
N ALA B 147 33.51 -8.17 23.10
CA ALA B 147 32.76 -6.93 23.41
C ALA B 147 33.64 -6.01 24.27
N GLU B 148 34.16 -6.56 25.36
CA GLU B 148 35.03 -5.86 26.36
C GLU B 148 36.24 -5.21 25.65
N THR B 149 36.99 -5.97 24.88
CA THR B 149 38.21 -5.48 24.18
C THR B 149 37.85 -4.23 23.35
N MET B 150 36.73 -4.27 22.63
CA MET B 150 36.29 -3.19 21.72
C MET B 150 35.90 -1.96 22.56
N PHE B 151 35.07 -2.17 23.59
CA PHE B 151 34.66 -1.13 24.58
C PHE B 151 35.90 -0.41 25.11
N ARG B 152 36.90 -1.17 25.57
CA ARG B 152 38.12 -0.55 26.16
C ARG B 152 38.95 0.10 25.06
N GLU B 153 39.02 -0.52 23.88
CA GLU B 153 39.90 -0.11 22.75
C GLU B 153 39.40 1.20 22.12
N PHE B 154 38.07 1.37 21.97
CA PHE B 154 37.45 2.51 21.21
C PHE B 154 36.61 3.39 22.14
N HIS B 155 36.93 3.40 23.44
CA HIS B 155 36.27 4.29 24.44
C HIS B 155 36.54 5.75 24.04
N GLY B 156 35.49 6.58 24.01
CA GLY B 156 35.57 8.02 23.66
C GLY B 156 35.63 8.26 22.16
N LYS B 157 36.05 7.26 21.38
CA LYS B 157 36.08 7.31 19.90
C LYS B 157 34.69 6.95 19.33
N ILE B 158 33.90 6.13 20.05
CA ILE B 158 32.57 5.63 19.60
C ILE B 158 31.55 5.86 20.72
N GLN B 159 30.38 6.42 20.39
CA GLN B 159 29.34 6.86 21.36
C GLN B 159 28.02 6.10 21.16
N HIS B 160 27.96 5.19 20.19
CA HIS B 160 26.74 4.43 19.81
C HIS B 160 27.12 2.97 19.52
N TRP B 161 26.63 2.05 20.34
CA TRP B 161 26.98 0.60 20.27
C TRP B 161 25.72 -0.26 20.14
N LEU B 162 25.77 -1.27 19.28
CA LEU B 162 24.77 -2.38 19.21
C LEU B 162 25.52 -3.69 19.47
N THR B 163 25.01 -4.51 20.38
CA THR B 163 25.58 -5.86 20.67
C THR B 163 25.40 -6.73 19.43
N PHE B 164 24.14 -6.98 19.05
CA PHE B 164 23.75 -7.95 17.99
C PHE B 164 22.87 -7.29 16.94
N ASN B 165 22.97 -7.79 15.69
CA ASN B 165 22.12 -7.41 14.53
C ASN B 165 21.20 -8.58 14.18
N GLU B 166 19.89 -8.34 14.10
CA GLU B 166 18.87 -9.29 13.58
C GLU B 166 19.03 -10.65 14.27
N PRO B 167 18.71 -10.74 15.58
CA PRO B 167 18.79 -12.01 16.30
C PRO B 167 17.95 -13.12 15.65
N TRP B 168 16.76 -12.80 15.12
CA TRP B 168 15.86 -13.77 14.46
C TRP B 168 16.58 -14.49 13.32
N CYS B 169 17.39 -13.74 12.55
CA CYS B 169 18.18 -14.28 11.42
C CYS B 169 19.27 -15.22 11.96
N ILE B 170 19.97 -14.76 13.01
CA ILE B 170 21.15 -15.47 13.61
C ILE B 170 20.69 -16.82 14.15
N ALA B 171 19.51 -16.85 14.77
CA ALA B 171 18.94 -18.03 15.45
C ALA B 171 18.12 -18.87 14.46
N PHE B 172 16.96 -18.35 14.04
CA PHE B 172 15.92 -19.13 13.30
C PHE B 172 16.28 -19.25 11.81
N LEU B 173 16.70 -18.19 11.14
CA LEU B 173 17.04 -18.29 9.71
C LEU B 173 18.27 -19.19 9.55
N SER B 174 19.27 -19.02 10.42
CA SER B 174 20.61 -19.68 10.36
C SER B 174 20.55 -21.14 10.85
N ASN B 175 19.64 -21.49 11.76
CA ASN B 175 19.68 -22.81 12.47
C ASN B 175 18.35 -23.58 12.39
N MET B 176 17.27 -22.97 11.88
CA MET B 176 15.93 -23.64 11.73
C MET B 176 15.64 -23.89 10.24
N LEU B 177 15.80 -22.86 9.41
CA LEU B 177 15.47 -22.89 7.96
C LEU B 177 16.71 -23.22 7.13
N GLY B 178 17.90 -23.01 7.71
CA GLY B 178 19.19 -23.43 7.11
C GLY B 178 19.65 -22.55 5.97
N VAL B 179 19.05 -21.37 5.84
CA VAL B 179 19.27 -20.43 4.70
C VAL B 179 20.59 -19.68 4.91
N HIS B 180 20.91 -19.35 6.17
CA HIS B 180 22.11 -18.55 6.55
C HIS B 180 23.07 -19.42 7.36
N ALA B 181 24.34 -19.01 7.39
CA ALA B 181 25.44 -19.70 8.13
C ALA B 181 25.08 -19.80 9.61
N PRO B 182 25.30 -20.95 10.27
CA PRO B 182 26.00 -22.10 9.69
C PRO B 182 25.09 -23.14 9.00
N GLY B 183 23.83 -22.79 8.74
CA GLY B 183 22.95 -23.53 7.81
C GLY B 183 22.44 -24.83 8.39
N LEU B 184 22.06 -24.82 9.67
CA LEU B 184 21.40 -25.98 10.32
C LEU B 184 19.88 -25.85 10.16
N THR B 185 19.13 -26.89 10.54
CA THR B 185 17.64 -26.99 10.39
C THR B 185 17.06 -27.78 11.58
N ASN B 186 17.22 -27.29 12.80
CA ASN B 186 16.75 -27.99 14.03
C ASN B 186 16.13 -26.93 14.97
N LEU B 187 14.82 -27.06 15.23
CA LEU B 187 14.07 -26.13 16.09
C LEU B 187 14.88 -25.88 17.37
N GLN B 188 15.34 -26.95 18.02
CA GLN B 188 15.95 -26.88 19.37
C GLN B 188 17.25 -26.06 19.33
N THR B 189 18.14 -26.29 18.35
CA THR B 189 19.46 -25.61 18.33
C THR B 189 19.25 -24.12 18.01
N ALA B 190 18.21 -23.76 17.24
CA ALA B 190 17.85 -22.34 16.98
C ALA B 190 17.50 -21.66 18.30
N ILE B 191 16.57 -22.27 19.06
CA ILE B 191 16.10 -21.70 20.36
C ILE B 191 17.30 -21.56 21.30
N ASP B 192 18.17 -22.58 21.35
CA ASP B 192 19.46 -22.56 22.11
C ASP B 192 20.26 -21.30 21.75
N VAL B 193 20.63 -21.19 20.47
CA VAL B 193 21.40 -20.05 19.91
C VAL B 193 20.70 -18.74 20.32
N GLY B 194 19.37 -18.69 20.15
CA GLY B 194 18.55 -17.51 20.49
C GLY B 194 18.75 -17.10 21.93
N HIS B 195 18.62 -18.05 22.85
CA HIS B 195 18.80 -17.82 24.30
C HIS B 195 20.24 -17.37 24.62
N HIS B 196 21.24 -18.05 24.06
CA HIS B 196 22.67 -17.82 24.39
C HIS B 196 23.08 -16.42 23.93
N LEU B 197 22.53 -16.01 22.78
CA LEU B 197 22.58 -14.62 22.22
C LEU B 197 22.22 -13.60 23.29
N LEU B 198 21.06 -13.79 23.91
CA LEU B 198 20.47 -12.83 24.88
C LEU B 198 21.37 -12.74 26.12
N VAL B 199 21.89 -13.88 26.58
CA VAL B 199 22.80 -13.93 27.76
C VAL B 199 24.07 -13.15 27.40
N ALA B 200 24.68 -13.45 26.26
CA ALA B 200 25.88 -12.75 25.77
C ALA B 200 25.60 -11.25 25.68
N HIS B 201 24.40 -10.87 25.23
CA HIS B 201 23.95 -9.46 25.12
C HIS B 201 23.95 -8.82 26.52
N GLY B 202 23.16 -9.39 27.44
CA GLY B 202 23.02 -8.91 28.83
C GLY B 202 24.37 -8.63 29.45
N LEU B 203 25.28 -9.62 29.37
CA LEU B 203 26.59 -9.60 30.05
C LEU B 203 27.47 -8.51 29.44
N SER B 204 27.38 -8.31 28.12
CA SER B 204 28.16 -7.29 27.37
C SER B 204 27.67 -5.89 27.76
N VAL B 205 26.35 -5.72 27.91
CA VAL B 205 25.76 -4.44 28.39
C VAL B 205 26.29 -4.19 29.81
N ARG B 206 26.31 -5.24 30.65
CA ARG B 206 26.77 -5.16 32.06
C ARG B 206 28.22 -4.64 32.10
N ARG B 207 29.10 -5.23 31.27
CA ARG B 207 30.55 -4.85 31.20
C ARG B 207 30.67 -3.39 30.75
N PHE B 208 29.82 -2.95 29.82
CA PHE B 208 29.79 -1.57 29.25
C PHE B 208 29.57 -0.57 30.38
N ARG B 209 28.63 -0.89 31.27
CA ARG B 209 28.26 -0.09 32.46
C ARG B 209 29.41 -0.14 33.46
N GLU B 210 29.92 -1.34 33.77
CA GLU B 210 31.09 -1.56 34.68
C GLU B 210 32.32 -0.78 34.17
N LEU B 211 32.56 -0.80 32.86
CA LEU B 211 33.72 -0.10 32.23
C LEU B 211 33.46 1.40 32.15
N GLY B 212 32.21 1.81 32.40
CA GLY B 212 31.74 3.19 32.14
C GLY B 212 32.17 3.65 30.76
N THR B 213 31.96 2.81 29.75
CA THR B 213 32.34 3.08 28.34
C THR B 213 31.50 4.27 27.84
N SER B 214 32.06 5.08 26.95
CA SER B 214 31.46 6.35 26.45
C SER B 214 30.26 6.04 25.55
N GLY B 215 29.13 6.72 25.76
CA GLY B 215 27.94 6.69 24.88
C GLY B 215 26.84 5.77 25.37
N GLN B 216 26.06 5.20 24.45
CA GLN B 216 24.83 4.41 24.74
C GLN B 216 24.90 3.09 23.97
N ILE B 217 24.18 2.07 24.43
CA ILE B 217 24.26 0.70 23.84
C ILE B 217 22.86 0.12 23.72
N GLY B 218 22.67 -0.77 22.74
CA GLY B 218 21.40 -1.47 22.51
C GLY B 218 21.54 -2.71 21.66
N ILE B 219 20.40 -3.21 21.16
CA ILE B 219 20.28 -4.38 20.25
C ILE B 219 19.43 -3.94 19.05
N ALA B 220 19.61 -4.57 17.89
CA ALA B 220 18.95 -4.17 16.62
C ALA B 220 18.22 -5.36 16.02
N PRO B 221 17.01 -5.72 16.51
CA PRO B 221 16.23 -6.78 15.86
C PRO B 221 15.75 -6.33 14.47
N ASN B 222 15.79 -7.25 13.50
CA ASN B 222 14.92 -7.20 12.31
C ASN B 222 13.51 -7.40 12.81
N VAL B 223 12.58 -6.66 12.24
CA VAL B 223 11.19 -6.52 12.74
C VAL B 223 10.26 -6.89 11.59
N SER B 224 9.52 -7.98 11.71
CA SER B 224 8.46 -8.36 10.75
C SER B 224 7.14 -7.70 11.17
N TRP B 225 6.31 -7.35 10.19
CA TRP B 225 4.90 -6.96 10.39
C TRP B 225 4.03 -7.79 9.46
N ALA B 226 3.05 -8.50 10.02
CA ALA B 226 2.10 -9.32 9.23
C ALA B 226 0.67 -8.90 9.61
N VAL B 227 -0.23 -8.93 8.64
CA VAL B 227 -1.65 -8.53 8.80
C VAL B 227 -2.52 -9.68 8.31
N PRO B 228 -3.59 -10.07 9.04
CA PRO B 228 -4.39 -11.22 8.65
C PRO B 228 -5.29 -11.01 7.42
N TYR B 229 -5.26 -11.97 6.49
CA TYR B 229 -6.13 -12.03 5.28
C TYR B 229 -7.61 -12.04 5.69
N SER B 230 -7.91 -12.69 6.82
CA SER B 230 -9.27 -12.89 7.40
C SER B 230 -9.37 -12.27 8.78
N THR B 231 -10.60 -11.94 9.18
CA THR B 231 -10.95 -11.53 10.57
C THR B 231 -11.02 -12.77 11.47
N SER B 232 -10.67 -13.95 10.95
CA SER B 232 -10.65 -15.25 11.69
C SER B 232 -9.55 -15.23 12.75
N GLU B 233 -9.82 -15.88 13.90
CA GLU B 233 -8.88 -15.96 15.05
C GLU B 233 -7.58 -16.66 14.62
N GLU B 234 -7.73 -17.74 13.82
CA GLU B 234 -6.60 -18.59 13.37
C GLU B 234 -5.64 -17.73 12.52
N ASP B 235 -6.18 -16.87 11.64
CA ASP B 235 -5.38 -15.97 10.76
C ASP B 235 -4.70 -14.89 11.61
N LYS B 236 -5.37 -14.38 12.64
CA LYS B 236 -4.83 -13.33 13.54
C LYS B 236 -3.66 -13.91 14.34
N ALA B 237 -3.80 -15.16 14.81
CA ALA B 237 -2.79 -15.89 15.60
C ALA B 237 -1.54 -16.18 14.76
N ALA B 238 -1.73 -16.58 13.49
CA ALA B 238 -0.66 -16.80 12.50
C ALA B 238 0.19 -15.53 12.36
N CYS B 239 -0.44 -14.37 12.19
CA CYS B 239 0.28 -13.08 12.13
C CYS B 239 1.02 -12.85 13.45
N ALA B 240 0.34 -13.04 14.59
CA ALA B 240 0.93 -12.82 15.93
C ALA B 240 2.22 -13.64 16.05
N ARG B 241 2.18 -14.90 15.62
CA ARG B 241 3.34 -15.84 15.70
C ARG B 241 4.50 -15.29 14.87
N THR B 242 4.18 -14.87 13.64
CA THR B 242 5.16 -14.32 12.66
C THR B 242 5.80 -13.05 13.25
N ILE B 243 5.00 -12.18 13.84
CA ILE B 243 5.43 -10.83 14.33
C ILE B 243 6.33 -11.02 15.55
N SER B 244 5.89 -11.91 16.44
CA SER B 244 6.43 -12.06 17.81
C SER B 244 7.80 -12.74 17.76
N LEU B 245 8.02 -13.67 16.84
CA LEU B 245 9.30 -14.44 16.79
C LEU B 245 10.47 -13.51 16.39
N HIS B 246 10.18 -12.46 15.62
CA HIS B 246 11.19 -11.51 15.07
C HIS B 246 11.58 -10.49 16.14
N SER B 247 10.59 -10.02 16.91
CA SER B 247 10.70 -8.86 17.84
C SER B 247 10.51 -9.31 19.28
N ASP B 248 9.27 -9.68 19.63
CA ASP B 248 8.83 -10.04 21.00
C ASP B 248 9.75 -11.11 21.62
N TRP B 249 10.17 -12.11 20.84
CA TRP B 249 10.94 -13.27 21.35
C TRP B 249 12.27 -12.80 21.96
N PHE B 250 12.86 -11.72 21.43
CA PHE B 250 14.13 -11.15 21.96
C PHE B 250 13.87 -9.91 22.82
N LEU B 251 12.77 -9.19 22.60
CA LEU B 251 12.50 -7.90 23.26
C LEU B 251 11.75 -8.10 24.57
N GLN B 252 10.84 -9.08 24.65
CA GLN B 252 10.04 -9.32 25.89
C GLN B 252 10.98 -9.71 27.02
N PRO B 253 11.99 -10.60 26.80
CA PRO B 253 12.96 -10.92 27.83
C PRO B 253 13.78 -9.72 28.31
N ILE B 254 14.27 -8.89 27.39
CA ILE B 254 15.14 -7.73 27.69
C ILE B 254 14.34 -6.70 28.50
N TYR B 255 13.05 -6.55 28.19
CA TYR B 255 12.22 -5.42 28.69
C TYR B 255 11.26 -5.88 29.80
N GLN B 256 10.83 -7.15 29.79
CA GLN B 256 9.75 -7.66 30.70
C GLN B 256 10.16 -9.00 31.35
N GLY B 257 11.45 -9.36 31.24
CA GLY B 257 12.07 -10.54 31.88
C GLY B 257 11.36 -11.85 31.62
N SER B 258 10.65 -12.01 30.49
CA SER B 258 10.03 -13.30 30.09
C SER B 258 10.02 -13.47 28.57
N TYR B 259 9.83 -14.70 28.10
CA TYR B 259 9.52 -15.07 26.70
C TYR B 259 8.02 -14.99 26.47
N PRO B 260 7.56 -14.62 25.25
CA PRO B 260 6.13 -14.68 24.93
C PRO B 260 5.62 -16.11 25.16
N GLN B 261 4.76 -16.26 26.17
CA GLN B 261 4.24 -17.58 26.62
C GLN B 261 3.65 -18.34 25.44
N PHE B 262 2.92 -17.66 24.54
CA PHE B 262 2.14 -18.32 23.45
C PHE B 262 3.10 -19.00 22.47
N LEU B 263 4.31 -18.45 22.29
CA LEU B 263 5.37 -19.04 21.40
C LEU B 263 6.11 -20.17 22.12
N VAL B 264 6.30 -20.06 23.44
CA VAL B 264 6.89 -21.15 24.27
C VAL B 264 5.95 -22.36 24.21
N ASP B 265 4.64 -22.11 24.32
CA ASP B 265 3.60 -23.18 24.25
C ASP B 265 3.65 -23.82 22.86
N TRP B 266 3.75 -22.98 21.82
CA TRP B 266 3.77 -23.39 20.39
C TRP B 266 4.95 -24.33 20.12
N PHE B 267 6.13 -23.93 20.61
CA PHE B 267 7.42 -24.65 20.41
C PHE B 267 7.44 -25.92 21.28
N ALA B 268 7.08 -25.79 22.57
CA ALA B 268 6.94 -26.92 23.53
C ALA B 268 6.18 -28.07 22.87
N GLU B 269 5.09 -27.76 22.15
CA GLU B 269 4.25 -28.76 21.42
C GLU B 269 5.03 -29.42 20.25
N GLN B 270 6.15 -28.82 19.81
CA GLN B 270 7.07 -29.45 18.81
C GLN B 270 8.28 -30.04 19.53
N GLY B 271 8.23 -30.14 20.86
CA GLY B 271 9.28 -30.77 21.70
C GLY B 271 10.51 -29.90 21.85
N ALA B 272 10.38 -28.58 21.77
CA ALA B 272 11.48 -27.63 22.04
C ALA B 272 11.17 -26.78 23.28
N THR B 273 12.21 -26.51 24.07
CA THR B 273 12.14 -25.69 25.32
C THR B 273 13.40 -24.84 25.39
N VAL B 274 13.34 -23.72 26.11
CA VAL B 274 14.45 -22.74 26.22
C VAL B 274 15.38 -23.25 27.32
N PRO B 275 16.68 -23.46 27.04
CA PRO B 275 17.64 -23.92 28.06
C PRO B 275 18.02 -22.77 29.01
N ILE B 276 17.04 -22.33 29.79
CA ILE B 276 17.17 -21.18 30.75
C ILE B 276 17.70 -21.68 32.08
N GLN B 277 18.89 -21.19 32.47
CA GLN B 277 19.57 -21.52 33.75
C GLN B 277 19.31 -20.40 34.76
N ASP B 278 19.79 -20.58 35.99
CA ASP B 278 19.57 -19.63 37.13
C ASP B 278 20.23 -18.29 36.81
N GLY B 279 19.46 -17.21 36.96
CA GLY B 279 19.92 -15.82 36.79
C GLY B 279 20.03 -15.38 35.35
N ASP B 280 19.62 -16.23 34.39
CA ASP B 280 19.73 -15.92 32.93
C ASP B 280 18.83 -14.72 32.63
N MET B 281 17.55 -14.80 32.99
CA MET B 281 16.53 -13.73 32.78
C MET B 281 17.01 -12.40 33.39
N ASP B 282 17.66 -12.44 34.56
CA ASP B 282 18.22 -11.25 35.25
C ASP B 282 19.28 -10.60 34.39
N ILE B 283 20.15 -11.40 33.80
CA ILE B 283 21.26 -10.93 32.91
C ILE B 283 20.63 -10.27 31.68
N ILE B 284 19.65 -10.96 31.07
CA ILE B 284 18.99 -10.57 29.78
C ILE B 284 18.25 -9.24 29.99
N GLY B 285 17.69 -9.02 31.18
CA GLY B 285 16.89 -7.84 31.54
C GLY B 285 17.72 -6.60 31.84
N GLU B 286 19.05 -6.66 31.67
CA GLU B 286 19.97 -5.50 31.90
C GLU B 286 19.51 -4.33 31.03
N PRO B 287 19.05 -3.21 31.64
CA PRO B 287 18.51 -2.08 30.87
C PRO B 287 19.41 -1.61 29.70
N ILE B 288 18.77 -1.20 28.60
CA ILE B 288 19.45 -0.71 27.37
C ILE B 288 18.91 0.67 27.01
N ASP B 289 19.78 1.49 26.41
CA ASP B 289 19.52 2.92 26.14
C ASP B 289 18.53 3.07 24.99
N MET B 290 18.59 2.15 24.02
CA MET B 290 17.72 2.20 22.83
C MET B 290 17.80 0.87 22.08
N ILE B 291 16.93 0.68 21.08
CA ILE B 291 17.02 -0.43 20.10
C ILE B 291 17.26 0.15 18.70
N GLY B 292 17.83 -0.65 17.81
CA GLY B 292 17.68 -0.47 16.35
C GLY B 292 16.52 -1.32 15.87
N ILE B 293 15.77 -0.88 14.87
CA ILE B 293 14.87 -1.81 14.13
C ILE B 293 15.26 -1.77 12.65
N ASN B 294 15.41 -2.96 12.06
CA ASN B 294 15.61 -3.17 10.60
C ASN B 294 14.24 -3.48 10.02
N TYR B 295 13.72 -2.57 9.20
CA TYR B 295 12.43 -2.77 8.49
C TYR B 295 12.70 -2.71 6.99
N TYR B 296 12.02 -3.58 6.26
CA TYR B 296 12.12 -3.71 4.78
C TYR B 296 10.73 -3.84 4.17
N SER B 297 9.99 -4.83 4.66
CA SER B 297 8.71 -5.30 4.07
C SER B 297 7.71 -5.69 5.16
N MET B 298 6.49 -5.87 4.70
CA MET B 298 5.24 -6.16 5.44
C MET B 298 4.52 -7.24 4.64
N SER B 299 3.57 -7.96 5.21
CA SER B 299 2.90 -9.07 4.48
C SER B 299 1.48 -9.28 4.98
N VAL B 300 0.65 -9.91 4.16
CA VAL B 300 -0.70 -10.44 4.53
C VAL B 300 -0.58 -11.96 4.65
N ASN B 301 -0.83 -12.53 5.84
CA ASN B 301 -0.65 -13.98 6.17
C ASN B 301 -2.00 -14.59 6.62
N ARG B 302 -2.25 -15.88 6.21
CA ARG B 302 -3.46 -16.77 6.36
C ARG B 302 -2.96 -17.85 7.35
N PHE B 303 -3.74 -18.52 8.24
CA PHE B 303 -3.26 -19.73 8.95
C PHE B 303 -3.15 -20.85 7.92
N ASN B 304 -2.07 -21.64 7.96
CA ASN B 304 -1.94 -22.85 7.11
C ASN B 304 -1.07 -23.87 7.83
N PRO B 305 -1.60 -25.09 8.10
CA PRO B 305 -0.89 -26.08 8.91
C PRO B 305 0.43 -26.54 8.29
N GLU B 306 0.50 -26.57 6.96
CA GLU B 306 1.65 -27.11 6.20
C GLU B 306 2.55 -25.95 5.74
N ALA B 307 2.43 -24.77 6.34
CA ALA B 307 3.18 -23.55 5.95
C ALA B 307 4.30 -23.29 6.97
N GLY B 308 5.24 -24.23 7.07
CA GLY B 308 6.44 -24.12 7.92
C GLY B 308 6.11 -24.28 9.40
N PHE B 309 7.09 -24.01 10.26
CA PHE B 309 7.05 -24.34 11.70
C PHE B 309 6.15 -23.35 12.45
N LEU B 310 5.84 -22.19 11.84
CA LEU B 310 4.96 -21.14 12.43
C LEU B 310 3.54 -21.25 11.85
N GLN B 311 3.35 -22.10 10.83
CA GLN B 311 2.02 -22.35 10.20
C GLN B 311 1.39 -21.00 9.85
N SER B 312 2.19 -20.11 9.27
CA SER B 312 1.78 -18.77 8.79
C SER B 312 2.17 -18.64 7.31
N GLU B 313 1.16 -18.66 6.44
CA GLU B 313 1.27 -18.59 4.95
C GLU B 313 1.13 -17.13 4.51
N GLU B 314 2.20 -16.56 3.97
CA GLU B 314 2.21 -15.24 3.29
C GLU B 314 1.38 -15.34 2.01
N ILE B 315 0.54 -14.35 1.75
CA ILE B 315 -0.34 -14.31 0.55
C ILE B 315 0.20 -13.21 -0.36
N ASN B 316 0.25 -13.51 -1.64
CA ASN B 316 0.63 -12.58 -2.71
C ASN B 316 -0.54 -11.66 -3.05
N MET B 317 -0.52 -10.41 -2.61
CA MET B 317 -1.68 -9.48 -2.78
C MET B 317 -1.64 -8.86 -4.18
N GLY B 318 -0.68 -9.25 -5.01
CA GLY B 318 -0.45 -8.70 -6.36
C GLY B 318 0.23 -7.34 -6.33
N LEU B 319 0.75 -6.94 -5.17
CA LEU B 319 1.47 -5.66 -4.93
C LEU B 319 2.78 -5.65 -5.73
N PRO B 320 3.31 -4.48 -6.10
CA PRO B 320 4.60 -4.43 -6.79
C PRO B 320 5.72 -4.74 -5.79
N VAL B 321 6.79 -5.37 -6.27
CA VAL B 321 7.88 -5.94 -5.42
C VAL B 321 9.23 -5.36 -5.87
N THR B 322 10.19 -5.26 -4.95
CA THR B 322 11.61 -4.92 -5.23
C THR B 322 12.22 -6.06 -6.05
N ASP B 323 13.42 -5.86 -6.61
CA ASP B 323 14.08 -6.82 -7.54
C ASP B 323 14.37 -8.14 -6.83
N ILE B 324 14.40 -8.13 -5.49
CA ILE B 324 14.55 -9.36 -4.65
C ILE B 324 13.17 -9.97 -4.37
N GLY B 325 12.08 -9.35 -4.84
CA GLY B 325 10.72 -9.92 -4.80
C GLY B 325 9.95 -9.58 -3.55
N TRP B 326 10.45 -8.67 -2.70
CA TRP B 326 9.72 -8.18 -1.51
C TRP B 326 8.74 -7.08 -1.91
N PRO B 327 7.46 -7.16 -1.50
CA PRO B 327 6.51 -6.07 -1.73
C PRO B 327 6.86 -4.84 -0.87
N VAL B 328 6.55 -3.66 -1.40
CA VAL B 328 6.77 -2.37 -0.68
C VAL B 328 5.41 -1.92 -0.14
N GLU B 329 5.31 -1.84 1.19
CA GLU B 329 4.13 -1.31 1.89
C GLU B 329 4.69 -0.57 3.10
N SER B 330 5.03 0.70 2.94
CA SER B 330 5.71 1.53 3.96
C SER B 330 4.92 1.52 5.29
N ARG B 331 3.58 1.41 5.24
CA ARG B 331 2.74 1.58 6.45
C ARG B 331 3.05 0.51 7.51
N GLY B 332 3.70 -0.60 7.17
CA GLY B 332 4.19 -1.59 8.14
C GLY B 332 5.18 -0.97 9.13
N LEU B 333 6.06 -0.10 8.66
CA LEU B 333 7.07 0.58 9.51
C LEU B 333 6.34 1.42 10.58
N TYR B 334 5.27 2.11 10.18
CA TYR B 334 4.40 2.93 11.08
C TYR B 334 3.71 2.01 12.10
N GLU B 335 3.13 0.90 11.62
CA GLU B 335 2.38 -0.07 12.45
C GLU B 335 3.30 -0.66 13.53
N VAL B 336 4.51 -1.06 13.14
CA VAL B 336 5.46 -1.80 14.03
C VAL B 336 6.05 -0.83 15.05
N LEU B 337 6.25 0.42 14.67
CA LEU B 337 6.74 1.46 15.61
C LEU B 337 5.69 1.68 16.71
N HIS B 338 4.40 1.69 16.36
CA HIS B 338 3.27 1.79 17.33
C HIS B 338 3.18 0.52 18.17
N TYR B 339 3.35 -0.65 17.57
CA TYR B 339 3.26 -1.96 18.24
C TYR B 339 4.33 -2.07 19.35
N LEU B 340 5.54 -1.55 19.07
CA LEU B 340 6.72 -1.66 19.96
C LEU B 340 6.56 -0.75 21.18
N GLN B 341 5.53 0.10 21.21
CA GLN B 341 5.26 1.02 22.35
C GLN B 341 4.72 0.21 23.54
N LYS B 342 4.44 -1.08 23.35
CA LYS B 342 4.12 -2.03 24.44
C LYS B 342 5.29 -2.09 25.44
N TYR B 343 6.52 -1.80 24.99
CA TYR B 343 7.75 -1.71 25.83
C TYR B 343 7.96 -0.27 26.28
N GLY B 344 6.95 0.58 26.10
CA GLY B 344 7.03 2.03 26.35
C GLY B 344 7.58 2.80 25.16
N ASN B 345 7.62 4.13 25.29
CA ASN B 345 8.20 5.06 24.28
C ASN B 345 9.73 4.99 24.40
N ILE B 346 10.31 3.86 24.02
CA ILE B 346 11.79 3.69 23.96
C ILE B 346 12.34 4.50 22.77
N ASP B 347 13.61 4.90 22.91
CA ASP B 347 14.45 5.50 21.85
C ASP B 347 14.65 4.41 20.78
N ILE B 348 14.09 4.63 19.59
CA ILE B 348 14.23 3.69 18.44
C ILE B 348 15.04 4.38 17.34
N TYR B 349 15.97 3.65 16.71
CA TYR B 349 16.68 4.07 15.49
C TYR B 349 16.29 3.11 14.36
N ILE B 350 16.03 3.61 13.15
CA ILE B 350 15.94 2.73 11.96
C ILE B 350 17.38 2.48 11.53
N THR B 351 17.94 1.35 11.94
CA THR B 351 19.35 0.95 11.75
C THR B 351 19.51 0.33 10.36
N GLU B 352 18.43 -0.20 9.79
CA GLU B 352 18.37 -0.64 8.37
C GLU B 352 17.00 -0.31 7.77
N ASN B 353 17.02 0.26 6.58
CA ASN B 353 15.84 0.37 5.68
C ASN B 353 16.36 0.57 4.26
N GLY B 354 15.79 -0.15 3.30
CA GLY B 354 16.25 -0.09 1.91
C GLY B 354 15.50 -1.03 0.99
N ALA B 355 15.79 -0.89 -0.29
CA ALA B 355 15.17 -1.66 -1.39
C ALA B 355 16.27 -2.27 -2.25
N CYS B 356 16.01 -3.45 -2.77
CA CYS B 356 16.81 -4.12 -3.81
C CYS B 356 16.33 -3.66 -5.18
N ILE B 357 17.14 -2.83 -5.82
CA ILE B 357 16.94 -2.24 -7.17
C ILE B 357 18.24 -2.45 -7.94
N ASN B 358 18.21 -3.32 -8.96
CA ASN B 358 19.43 -3.83 -9.65
C ASN B 358 19.82 -2.94 -10.83
N ASP B 359 19.48 -1.65 -10.83
CA ASP B 359 19.90 -0.72 -11.91
C ASP B 359 21.42 -0.60 -11.91
N GLU B 360 22.04 -0.62 -13.09
CA GLU B 360 23.52 -0.58 -13.28
C GLU B 360 23.93 0.80 -13.84
N VAL B 361 25.22 1.02 -14.06
CA VAL B 361 25.74 2.34 -14.53
C VAL B 361 25.45 2.47 -16.04
N VAL B 362 24.65 3.46 -16.42
CA VAL B 362 24.25 3.75 -17.82
C VAL B 362 24.45 5.25 -18.06
N ASN B 363 25.34 5.59 -18.99
CA ASN B 363 25.68 7.00 -19.35
C ASN B 363 26.19 7.72 -18.10
N GLY B 364 26.98 7.03 -17.27
CA GLY B 364 27.80 7.64 -16.18
C GLY B 364 27.06 7.76 -14.86
N LYS B 365 25.91 7.11 -14.70
CA LYS B 365 25.09 7.33 -13.48
C LYS B 365 24.10 6.18 -13.32
N VAL B 366 23.54 5.99 -12.13
CA VAL B 366 22.50 4.95 -11.88
C VAL B 366 21.14 5.63 -11.76
N GLN B 367 20.16 5.19 -12.55
CA GLN B 367 18.82 5.82 -12.60
C GLN B 367 17.86 5.00 -11.72
N ASP B 368 18.15 4.89 -10.42
CA ASP B 368 17.45 3.99 -9.46
C ASP B 368 16.25 4.73 -8.85
N ASP B 369 15.34 5.19 -9.70
CA ASP B 369 14.18 6.02 -9.30
C ASP B 369 13.34 5.22 -8.31
N ARG B 370 13.23 3.90 -8.50
CA ARG B 370 12.45 2.98 -7.62
C ARG B 370 13.02 2.95 -6.20
N ARG B 371 14.33 3.16 -6.04
CA ARG B 371 14.96 3.24 -4.70
C ARG B 371 14.54 4.55 -4.05
N ILE B 372 14.57 5.66 -4.78
CA ILE B 372 14.13 6.99 -4.28
C ILE B 372 12.66 6.90 -3.87
N SER B 373 11.83 6.29 -4.74
CA SER B 373 10.38 6.08 -4.50
C SER B 373 10.17 5.30 -3.19
N TYR B 374 10.91 4.21 -3.01
CA TYR B 374 10.87 3.35 -1.80
C TYR B 374 11.20 4.23 -0.59
N MET B 375 12.36 4.88 -0.61
CA MET B 375 12.92 5.65 0.53
C MET B 375 11.93 6.73 0.96
N GLN B 376 11.32 7.37 -0.04
CA GLN B 376 10.34 8.48 0.13
C GLN B 376 9.14 8.03 0.97
N GLN B 377 8.53 6.92 0.60
CA GLN B 377 7.34 6.35 1.30
C GLN B 377 7.73 6.05 2.76
N HIS B 378 8.90 5.47 2.98
CA HIS B 378 9.38 4.99 4.31
C HIS B 378 9.73 6.18 5.20
N LEU B 379 10.36 7.23 4.66
CA LEU B 379 10.76 8.42 5.48
C LEU B 379 9.52 9.24 5.86
N VAL B 380 8.42 9.13 5.11
CA VAL B 380 7.10 9.71 5.49
C VAL B 380 6.62 9.00 6.76
N GLN B 381 6.71 7.68 6.79
CA GLN B 381 6.26 6.86 7.95
C GLN B 381 7.11 7.18 9.19
N VAL B 382 8.39 7.56 9.00
CA VAL B 382 9.29 7.91 10.14
C VAL B 382 8.82 9.26 10.72
N HIS B 383 8.61 10.25 9.86
CA HIS B 383 8.02 11.56 10.22
C HIS B 383 6.66 11.34 10.90
N ARG B 384 5.82 10.48 10.33
CA ARG B 384 4.43 10.23 10.76
C ARG B 384 4.41 9.81 12.23
N ALA B 385 5.35 8.94 12.62
CA ALA B 385 5.48 8.38 13.99
C ALA B 385 6.12 9.39 14.95
N ILE B 386 7.12 10.14 14.49
CA ILE B 386 7.76 11.22 15.31
C ILE B 386 6.66 12.21 15.69
N HIS B 387 5.78 12.50 14.73
CA HIS B 387 4.63 13.43 14.85
C HIS B 387 3.59 12.86 15.83
N ASP B 388 3.55 11.53 16.01
CA ASP B 388 2.72 10.86 17.05
C ASP B 388 3.45 10.83 18.41
N GLY B 389 4.62 11.47 18.51
CA GLY B 389 5.40 11.61 19.75
C GLY B 389 6.27 10.42 20.06
N LEU B 390 6.45 9.49 19.12
CA LEU B 390 7.35 8.31 19.29
C LEU B 390 8.79 8.80 19.20
N HIS B 391 9.71 8.22 19.99
CA HIS B 391 11.12 8.66 20.10
C HIS B 391 11.96 7.95 19.04
N VAL B 392 11.64 8.16 17.76
CA VAL B 392 12.46 7.70 16.61
C VAL B 392 13.56 8.75 16.43
N LYS B 393 14.82 8.36 16.67
CA LYS B 393 15.98 9.28 16.85
C LYS B 393 16.81 9.39 15.56
N GLY B 394 16.64 8.46 14.64
CA GLY B 394 17.53 8.37 13.46
C GLY B 394 17.05 7.36 12.43
N TYR B 395 17.72 7.39 11.28
CA TYR B 395 17.41 6.56 10.09
C TYR B 395 18.72 6.30 9.35
N MET B 396 19.01 5.03 9.10
CA MET B 396 20.24 4.57 8.42
C MET B 396 19.82 3.75 7.20
N ALA B 397 20.17 4.24 6.00
CA ALA B 397 19.84 3.57 4.73
C ALA B 397 20.70 2.32 4.61
N TRP B 398 20.07 1.17 4.40
CA TRP B 398 20.78 -0.05 3.93
C TRP B 398 20.70 -0.05 2.41
N SER B 399 21.82 0.21 1.72
CA SER B 399 23.16 0.22 2.28
C SER B 399 23.99 1.36 1.65
N LEU B 400 25.12 1.75 2.26
CA LEU B 400 26.06 2.71 1.63
C LEU B 400 26.48 2.18 0.26
N LEU B 401 26.83 0.89 0.19
CA LEU B 401 27.47 0.26 -0.99
C LEU B 401 26.66 -0.97 -1.39
N ASP B 402 26.52 -1.21 -2.69
CA ASP B 402 26.20 -2.57 -3.19
C ASP B 402 27.20 -3.47 -2.49
N ASN B 403 26.75 -4.59 -1.91
CA ASN B 403 27.62 -5.46 -1.07
C ASN B 403 27.30 -6.92 -1.35
N PHE B 404 27.92 -7.82 -0.56
CA PHE B 404 27.64 -9.27 -0.56
C PHE B 404 26.33 -9.50 0.24
N GLU B 405 25.21 -9.62 -0.47
CA GLU B 405 23.87 -9.86 0.15
C GLU B 405 23.72 -11.33 0.52
N TRP B 406 24.61 -11.85 1.38
CA TRP B 406 24.50 -13.19 2.02
C TRP B 406 24.22 -14.26 0.97
N ALA B 407 23.07 -14.96 1.05
CA ALA B 407 22.75 -16.15 0.23
C ALA B 407 22.38 -15.76 -1.21
N GLU B 408 22.20 -14.46 -1.48
CA GLU B 408 21.89 -13.94 -2.83
C GLU B 408 23.19 -13.50 -3.52
N GLY B 409 24.30 -13.43 -2.77
CA GLY B 409 25.61 -13.00 -3.31
C GLY B 409 25.56 -11.56 -3.79
N TYR B 410 26.15 -11.26 -4.94
CA TYR B 410 26.24 -9.86 -5.47
C TYR B 410 25.04 -9.58 -6.38
N SER B 411 24.11 -10.53 -6.55
CA SER B 411 23.02 -10.43 -7.55
C SER B 411 21.95 -9.44 -7.06
N MET B 412 21.83 -9.19 -5.77
CA MET B 412 20.85 -8.22 -5.22
C MET B 412 21.60 -6.97 -4.75
N ARG B 413 21.27 -5.84 -5.36
CA ARG B 413 21.87 -4.53 -5.08
C ARG B 413 20.93 -3.75 -4.15
N PHE B 414 21.41 -3.43 -2.94
CA PHE B 414 20.70 -2.62 -1.92
C PHE B 414 21.41 -1.28 -1.75
N GLY B 415 22.59 -1.14 -2.35
CA GLY B 415 23.46 0.01 -2.11
C GLY B 415 22.89 1.30 -2.67
N ILE B 416 23.32 2.42 -2.09
CA ILE B 416 22.92 3.78 -2.54
C ILE B 416 24.09 4.36 -3.34
N ILE B 417 25.23 3.66 -3.32
CA ILE B 417 26.41 3.90 -4.19
C ILE B 417 26.64 2.59 -4.96
N HIS B 418 26.76 2.66 -6.28
CA HIS B 418 27.00 1.48 -7.15
C HIS B 418 28.46 1.04 -6.95
N VAL B 419 28.70 -0.26 -6.88
CA VAL B 419 30.07 -0.83 -6.83
C VAL B 419 30.19 -1.82 -7.98
N ASP B 420 31.14 -1.55 -8.88
CA ASP B 420 31.52 -2.47 -9.99
C ASP B 420 32.48 -3.48 -9.39
N PHE B 421 32.05 -4.73 -9.24
CA PHE B 421 32.86 -5.77 -8.56
C PHE B 421 34.07 -6.12 -9.46
N ARG B 422 33.95 -5.86 -10.76
CA ARG B 422 35.05 -6.07 -11.75
C ARG B 422 36.24 -5.15 -11.40
N THR B 423 35.97 -3.87 -11.13
CA THR B 423 36.99 -2.79 -11.05
C THR B 423 37.01 -2.11 -9.67
N GLN B 424 36.05 -2.42 -8.81
CA GLN B 424 35.87 -1.81 -7.45
C GLN B 424 35.63 -0.30 -7.59
N VAL B 425 35.08 0.13 -8.72
CA VAL B 425 34.71 1.56 -8.98
C VAL B 425 33.43 1.88 -8.21
N ARG B 426 33.44 2.99 -7.48
CA ARG B 426 32.24 3.51 -6.79
C ARG B 426 31.59 4.57 -7.69
N THR B 427 30.29 4.43 -7.95
CA THR B 427 29.45 5.40 -8.70
C THR B 427 28.21 5.73 -7.88
N PRO B 428 28.18 6.92 -7.21
CA PRO B 428 26.98 7.34 -6.49
C PRO B 428 25.75 7.29 -7.42
N LYS B 429 24.70 6.62 -6.95
CA LYS B 429 23.42 6.44 -7.70
C LYS B 429 22.57 7.71 -7.56
N GLU B 430 21.47 7.79 -8.29
CA GLU B 430 20.58 8.97 -8.20
C GLU B 430 20.09 9.09 -6.76
N SER B 431 19.81 7.95 -6.12
CA SER B 431 19.35 7.86 -4.70
C SER B 431 20.35 8.58 -3.78
N TYR B 432 21.66 8.41 -4.01
CA TYR B 432 22.73 9.08 -3.21
C TYR B 432 22.52 10.60 -3.23
N TYR B 433 22.28 11.17 -4.41
CA TYR B 433 22.11 12.63 -4.63
C TYR B 433 20.76 13.08 -4.07
N TRP B 434 19.72 12.27 -4.22
CA TRP B 434 18.38 12.57 -3.67
C TRP B 434 18.44 12.61 -2.15
N TYR B 435 19.04 11.58 -1.56
CA TYR B 435 19.20 11.39 -0.10
C TYR B 435 20.05 12.51 0.47
N ARG B 436 21.08 12.92 -0.29
CA ARG B 436 22.03 13.97 0.15
C ARG B 436 21.27 15.27 0.44
N LYS B 437 20.20 15.56 -0.31
CA LYS B 437 19.42 16.81 -0.11
C LYS B 437 18.41 16.65 1.01
N VAL B 438 18.06 15.42 1.38
CA VAL B 438 17.06 15.22 2.45
C VAL B 438 17.77 15.39 3.78
N VAL B 439 19.01 14.89 3.88
CA VAL B 439 19.78 14.86 5.16
C VAL B 439 20.41 16.22 5.40
N GLY B 440 20.75 16.94 4.31
CA GLY B 440 21.38 18.27 4.37
C GLY B 440 20.34 19.35 4.64
N ASN B 441 19.16 19.24 4.04
CA ASN B 441 18.01 20.16 4.30
C ASN B 441 17.38 19.81 5.65
N ASN B 442 17.35 18.52 5.98
CA ASN B 442 16.68 17.93 7.18
C ASN B 442 15.16 18.12 7.03
N TRP B 443 14.69 18.20 5.79
CA TRP B 443 13.26 18.00 5.46
C TRP B 443 13.15 17.22 4.14
N LEU B 444 11.93 16.72 3.87
CA LEU B 444 11.59 15.87 2.70
C LEU B 444 10.33 16.44 2.04
N GLU B 445 10.33 16.49 0.71
CA GLU B 445 9.16 16.88 -0.12
C GLU B 445 8.75 15.67 -0.98
N THR B 446 7.51 15.21 -0.86
CA THR B 446 6.99 14.07 -1.66
C THR B 446 6.54 14.57 -3.04
N ARG B 447 6.78 13.77 -4.08
CA ARG B 447 6.41 14.12 -5.48
C ARG B 447 6.36 12.84 -6.32
N ARG B 448 6.89 12.89 -7.56
CA ARG B 448 6.92 11.76 -8.52
C ARG B 448 5.49 11.23 -8.74
#